data_8RCC
#
_entry.id   8RCC
#
_cell.length_a   64.810
_cell.length_b   124.401
_cell.length_c   150.307
_cell.angle_alpha   90.000
_cell.angle_beta   90.000
_cell.angle_gamma   90.000
#
_symmetry.space_group_name_H-M   'P 21 21 21'
#
loop_
_entity.id
_entity.type
_entity.pdbx_description
1 polymer 'Formate dehydrogenase, alpha subunit, selenocysteine-containing'
2 polymer 'Formate dehydrogenase, beta subunit, putative'
3 non-polymer '2-AMINO-5,6-DIMERCAPTO-7-METHYL-3,7,8A,9-TETRAHYDRO-8-OXA-1,3,9,10-TETRAAZA-ANTHRACEN-4-ONE GUANOSINE DINUCLEOTIDE'
4 non-polymer 'IRON/SULFUR CLUSTER'
5 non-polymer 'HYDROSULFURIC ACID'
6 non-polymer 'TUNGSTEN ION'
7 non-polymer GLYCEROL
8 non-polymer 1,2-ETHANEDIOL
9 non-polymer DI(HYDROXYETHYL)ETHER
10 non-polymer 'CARBON DIOXIDE'
11 non-polymer 'OXYGEN MOLECULE'
12 water water
#
loop_
_entity_poly.entity_id
_entity_poly.type
_entity_poly.pdbx_seq_one_letter_code
_entity_poly.pdbx_strand_id
1 'polypeptide(L)'
;MTVTRRHFLKLSAGAAVAGAFTGLGLSLAPTVARAELQKLQWAKQTTSICCYCAVGCGLIVHTAKDGQGRAVNVEGDPDH
PINEGSLCPKGASIFQLGENDQRGTQPLYRAPFSDTWKPVTWDFALTEIAKRIKKTRDASFTEKNAAGDLVNRTEAIASF
GSAAMDNEECWAYGNILRSLGLVYIEHQARIUHSPTVPALAESFGRGAMTNHWNDLANSDCILIMGSNAAENHPIAFKWV
LRAKDKGATLIHVDPRFTRTSARCDVYAPIRSGADIPFLGGLIKYILDNKLYFTDYVREYTNASLIVGEKFSFKDGLFSG
YDAANKKYDKSMWAFELDANGVPKRDPALKHPRCVINLLKKHYERYNLDKVAAITGTSKEQLQQVYKAYAATGKPDKAGT
IMYAMGWTQHSVGVQNIRAMAMIQLLLGNIGVAGGGVNALRGESNVQGSTDQGLLAHIWPGYNPVPNSKAATLELYNAAT
PQSKDPMSVNWWQNRPKYVASYLKALYPDEEPAAAYDYLPRIDAGRKLTDYFWLNIFEKMDKGEFKGLFAWGMNPACGGA
NANKNRKAMGKLEWLVNVNLFENETSSFWKGPGMNPAEIGTEVFFLPCCVSIEKEGSVANSGRWMQWRYRGPKPYAETKP
DGDIMLDMFKKVRELYAKEGGAYPAPIAKLNIADWEEHNEFSPTKVAKLMNGYFLKDTEVGGKQFKKGQQVPSFAFLTAD
GSTCSGNWLHAGSFTDAGNLMARRDKTQTPEQARIGLFPNWSFCWPVNRRILYNRASVDKTGKPWNPAKAVIEWKDGKWV
GDVVDGGGDPGTKHPFIMQTHGFGALYGPGREEGPFPEHYEPLECPVSKNPFSKQLHNPVAFQIEGEKKAVCDPRYPFIG
TTYRVTEHWQTGLMTRRCAWLVEAEPQIFCEISKELAKLRGIGNGDTVKVSSLRGALEAVAIVTERIRPFKIEGVDVHMV
GLPWHYGWMVPKNGGDTANLLTPSAGDPNTGIPETKAFMVDVRKVWSHPQFEK
;
A
2 'polypeptide(L)'
;MGKMFFVDLSRCTACRGCQIACKQWKNLPAEETRNTGSHQNPPDLSYVTLKTVRFTEKSRKGPGIDWLFFPEQCRHCVEP
PCKGQADVDLEGAVVKDETTGAVLFTELTAKVDGESVRSACPYDIPRIDPVTKRLSKCDMCNDRVQNGLLPACVKTCPTG
TMNFGDEQEMLALAEKRLAEVKKTYPGAVLGDPNDVRVVYLFTRDPKDFYEHAVA
;
B
#
# COMPACT_ATOMS: atom_id res chain seq x y z
N GLU A 36 -28.57 -25.90 -5.02
CA GLU A 36 -27.92 -25.43 -3.76
C GLU A 36 -26.54 -26.08 -3.61
N LEU A 37 -25.56 -25.35 -3.05
CA LEU A 37 -24.20 -25.84 -2.69
C LEU A 37 -24.18 -26.18 -1.19
N GLN A 38 -24.04 -27.47 -0.87
CA GLN A 38 -24.06 -27.96 0.52
C GLN A 38 -23.19 -27.05 1.39
N LYS A 39 -21.98 -26.72 0.92
CA LYS A 39 -20.93 -25.99 1.67
C LYS A 39 -21.52 -24.70 2.26
N LEU A 40 -22.25 -23.93 1.45
CA LEU A 40 -22.77 -22.57 1.81
C LEU A 40 -24.24 -22.65 2.26
N GLN A 41 -24.84 -23.83 2.32
CA GLN A 41 -26.32 -23.99 2.38
C GLN A 41 -26.90 -23.42 3.69
N TRP A 42 -26.27 -23.64 4.85
CA TRP A 42 -26.86 -23.23 6.15
C TRP A 42 -26.07 -22.06 6.75
N ALA A 43 -25.38 -21.28 5.91
CA ALA A 43 -24.41 -20.24 6.34
C ALA A 43 -25.00 -18.85 6.13
N LYS A 44 -24.76 -17.92 7.06
CA LYS A 44 -25.04 -16.47 6.86
C LYS A 44 -23.92 -15.88 5.99
N GLN A 45 -24.32 -15.18 4.92
CA GLN A 45 -23.44 -14.45 3.99
C GLN A 45 -23.41 -12.98 4.39
N THR A 46 -22.24 -12.51 4.80
CA THR A 46 -21.94 -11.08 5.07
C THR A 46 -20.86 -10.65 4.07
N THR A 47 -20.69 -9.33 3.90
CA THR A 47 -19.67 -8.67 3.07
C THR A 47 -18.55 -8.12 3.97
N SER A 48 -17.32 -8.16 3.45
CA SER A 48 -16.09 -7.62 4.10
C SER A 48 -15.18 -7.01 3.04
N ILE A 49 -14.13 -6.32 3.51
CA ILE A 49 -13.06 -5.74 2.66
C ILE A 49 -11.78 -6.46 3.04
N CYS A 50 -10.91 -6.73 2.05
CA CYS A 50 -9.63 -7.47 2.22
C CYS A 50 -8.79 -6.81 3.31
N CYS A 51 -8.05 -7.61 4.08
CA CYS A 51 -7.27 -7.16 5.27
C CYS A 51 -5.81 -6.91 4.89
N TYR A 52 -5.43 -7.09 3.62
CA TYR A 52 -4.02 -6.98 3.17
C TYR A 52 -3.79 -5.58 2.58
N CYS A 53 -3.70 -5.43 1.25
CA CYS A 53 -3.18 -4.20 0.60
C CYS A 53 -4.30 -3.16 0.40
N ALA A 54 -3.94 -1.90 0.15
CA ALA A 54 -4.86 -0.74 0.10
C ALA A 54 -5.55 -0.63 -1.29
N VAL A 55 -5.75 -1.74 -1.99
CA VAL A 55 -6.63 -1.80 -3.19
C VAL A 55 -8.07 -1.80 -2.68
N GLY A 56 -8.33 -2.55 -1.60
CA GLY A 56 -9.61 -2.53 -0.87
C GLY A 56 -10.66 -3.40 -1.55
N CYS A 57 -10.26 -4.58 -2.02
CA CYS A 57 -11.14 -5.61 -2.63
C CYS A 57 -12.30 -6.02 -1.70
N GLY A 58 -13.49 -6.18 -2.29
CA GLY A 58 -14.67 -6.77 -1.62
C GLY A 58 -14.52 -8.26 -1.39
N LEU A 59 -14.97 -8.75 -0.22
CA LEU A 59 -15.14 -10.19 0.12
C LEU A 59 -16.62 -10.50 0.38
N ILE A 60 -17.04 -11.74 0.12
CA ILE A 60 -18.25 -12.34 0.74
C ILE A 60 -17.76 -13.43 1.70
N VAL A 61 -18.26 -13.40 2.93
CA VAL A 61 -17.95 -14.37 4.01
C VAL A 61 -19.21 -15.19 4.28
N HIS A 62 -19.05 -16.52 4.36
CA HIS A 62 -20.10 -17.48 4.77
C HIS A 62 -19.75 -18.05 6.13
N THR A 63 -20.68 -17.90 7.07
CA THR A 63 -20.51 -18.25 8.50
C THR A 63 -21.54 -19.33 8.85
N ALA A 64 -21.06 -20.47 9.39
CA ALA A 64 -21.86 -21.65 9.80
C ALA A 64 -22.90 -21.26 10.87
N LYS A 65 -23.90 -22.13 11.08
CA LYS A 65 -25.02 -21.97 12.07
C LYS A 65 -25.74 -20.64 11.80
N ASP A 66 -25.78 -20.21 10.55
CA ASP A 66 -26.41 -18.92 10.15
C ASP A 66 -25.75 -17.75 10.90
N GLY A 67 -24.47 -17.87 11.29
CA GLY A 67 -23.67 -16.79 11.92
C GLY A 67 -23.16 -17.13 13.30
N GLN A 68 -23.65 -18.22 13.92
CA GLN A 68 -23.43 -18.59 15.36
C GLN A 68 -22.09 -19.32 15.56
N GLY A 69 -21.42 -19.72 14.49
CA GLY A 69 -20.15 -20.46 14.55
C GLY A 69 -19.10 -19.89 13.61
N ARG A 70 -18.36 -20.76 12.95
CA ARG A 70 -17.10 -20.43 12.25
C ARG A 70 -17.38 -20.12 10.77
N ALA A 71 -16.50 -19.34 10.15
CA ALA A 71 -16.50 -19.15 8.68
C ALA A 71 -16.36 -20.53 8.02
N VAL A 72 -17.09 -20.78 6.92
CA VAL A 72 -16.94 -22.03 6.11
C VAL A 72 -16.37 -21.67 4.73
N ASN A 73 -16.49 -20.40 4.32
CA ASN A 73 -16.01 -19.95 3.00
C ASN A 73 -15.68 -18.45 3.02
N VAL A 74 -14.61 -18.06 2.34
CA VAL A 74 -14.32 -16.63 2.01
C VAL A 74 -13.83 -16.58 0.58
N GLU A 75 -14.49 -15.76 -0.25
CA GLU A 75 -14.06 -15.46 -1.63
C GLU A 75 -14.49 -14.02 -1.96
N GLY A 76 -14.26 -13.59 -3.20
CA GLY A 76 -14.53 -12.21 -3.64
C GLY A 76 -16.01 -11.88 -3.71
N ASP A 77 -16.31 -10.59 -3.59
CA ASP A 77 -17.67 -10.01 -3.72
C ASP A 77 -17.84 -9.60 -5.17
N PRO A 78 -18.62 -10.34 -5.98
CA PRO A 78 -18.81 -10.04 -7.40
C PRO A 78 -19.48 -8.68 -7.69
N ASP A 79 -20.20 -8.11 -6.73
CA ASP A 79 -20.88 -6.79 -6.89
C ASP A 79 -19.88 -5.66 -6.66
N HIS A 80 -18.69 -5.96 -6.10
CA HIS A 80 -17.73 -4.91 -5.71
C HIS A 80 -17.07 -4.34 -6.96
N PRO A 81 -17.14 -3.00 -7.13
CA PRO A 81 -16.75 -2.37 -8.38
C PRO A 81 -15.24 -2.30 -8.64
N ILE A 82 -14.43 -2.43 -7.59
CA ILE A 82 -12.94 -2.44 -7.73
C ILE A 82 -12.51 -3.84 -8.20
N ASN A 83 -12.90 -4.92 -7.50
CA ASN A 83 -12.34 -6.25 -7.77
C ASN A 83 -13.31 -7.15 -8.54
N GLU A 84 -14.60 -6.80 -8.60
CA GLU A 84 -15.62 -7.57 -9.36
C GLU A 84 -15.51 -9.05 -8.97
N GLY A 85 -15.22 -9.33 -7.70
CA GLY A 85 -15.16 -10.68 -7.14
C GLY A 85 -13.82 -11.37 -7.31
N SER A 86 -12.85 -10.74 -7.98
CA SER A 86 -11.48 -11.28 -8.10
C SER A 86 -10.70 -11.00 -6.80
N LEU A 87 -9.83 -11.93 -6.41
CA LEU A 87 -8.87 -11.78 -5.30
C LEU A 87 -7.52 -12.36 -5.73
N CYS A 88 -6.44 -11.70 -5.32
CA CYS A 88 -5.05 -12.23 -5.39
C CYS A 88 -4.94 -13.33 -4.32
N PRO A 89 -3.86 -14.15 -4.31
CA PRO A 89 -3.77 -15.29 -3.40
C PRO A 89 -3.83 -14.91 -1.92
N LYS A 90 -3.51 -13.66 -1.57
CA LYS A 90 -3.55 -13.19 -0.17
C LYS A 90 -5.02 -13.07 0.26
N GLY A 91 -5.85 -12.37 -0.52
CA GLY A 91 -7.30 -12.27 -0.29
C GLY A 91 -7.99 -13.63 -0.38
N ALA A 92 -7.60 -14.47 -1.33
CA ALA A 92 -8.23 -15.78 -1.62
C ALA A 92 -7.95 -16.75 -0.46
N SER A 93 -6.92 -16.48 0.35
CA SER A 93 -6.45 -17.36 1.46
C SER A 93 -7.05 -16.93 2.80
N ILE A 94 -7.93 -15.94 2.83
CA ILE A 94 -8.36 -15.27 4.09
C ILE A 94 -9.13 -16.27 4.95
N PHE A 95 -9.86 -17.22 4.36
CA PHE A 95 -10.44 -18.37 5.10
C PHE A 95 -9.35 -19.06 5.97
N GLN A 96 -8.18 -19.35 5.39
CA GLN A 96 -7.05 -20.07 6.05
C GLN A 96 -6.38 -19.19 7.12
N LEU A 97 -6.37 -17.86 6.93
CA LEU A 97 -5.92 -16.88 7.96
C LEU A 97 -6.87 -16.94 9.16
N GLY A 98 -8.18 -16.95 8.89
CA GLY A 98 -9.22 -16.88 9.94
C GLY A 98 -9.32 -18.18 10.71
N GLU A 99 -9.58 -19.29 10.03
CA GLU A 99 -9.87 -20.60 10.64
C GLU A 99 -8.56 -21.37 10.80
N ASN A 100 -7.67 -20.84 11.64
CA ASN A 100 -6.25 -21.21 11.73
C ASN A 100 -5.95 -21.62 13.17
N ASP A 101 -5.50 -22.87 13.38
CA ASP A 101 -5.39 -23.49 14.73
C ASP A 101 -4.18 -22.88 15.48
N GLN A 102 -3.24 -22.28 14.74
CA GLN A 102 -2.04 -21.59 15.29
C GLN A 102 -2.37 -20.19 15.84
N ARG A 103 -3.59 -19.69 15.70
CA ARG A 103 -3.96 -18.32 16.19
C ARG A 103 -3.88 -18.29 17.72
N GLY A 104 -3.45 -17.16 18.28
CA GLY A 104 -3.60 -16.90 19.72
C GLY A 104 -5.03 -17.20 20.16
N THR A 105 -5.19 -17.79 21.34
CA THR A 105 -6.49 -18.20 21.95
C THR A 105 -6.84 -17.26 23.11
N GLN A 106 -5.87 -16.98 23.99
CA GLN A 106 -6.08 -16.17 25.22
C GLN A 106 -4.85 -15.30 25.48
N PRO A 107 -4.95 -14.27 26.36
CA PRO A 107 -3.78 -13.50 26.78
C PRO A 107 -2.68 -14.42 27.32
N LEU A 108 -1.43 -14.06 27.06
CA LEU A 108 -0.24 -14.79 27.60
C LEU A 108 0.65 -13.79 28.34
N TYR A 109 1.38 -14.28 29.34
CA TYR A 109 2.29 -13.51 30.20
C TYR A 109 3.66 -14.21 30.20
N ARG A 110 4.72 -13.41 30.08
CA ARG A 110 6.12 -13.85 30.27
C ARG A 110 6.73 -13.01 31.39
N ALA A 111 7.01 -13.64 32.53
CA ALA A 111 7.67 -13.03 33.70
C ALA A 111 9.14 -12.73 33.37
N PRO A 112 9.72 -11.61 33.89
CA PRO A 112 11.13 -11.31 33.66
C PRO A 112 12.06 -12.52 33.86
N PHE A 113 12.92 -12.80 32.87
CA PHE A 113 13.95 -13.86 32.92
C PHE A 113 13.33 -15.26 32.88
N SER A 114 12.07 -15.40 32.47
CA SER A 114 11.38 -16.70 32.23
C SER A 114 11.66 -17.20 30.80
N ASP A 115 11.62 -18.51 30.57
CA ASP A 115 11.75 -19.12 29.22
C ASP A 115 10.42 -19.80 28.81
N THR A 116 9.28 -19.28 29.28
CA THR A 116 7.94 -19.89 29.04
C THR A 116 6.83 -18.86 29.23
N TRP A 117 5.81 -18.93 28.37
CA TRP A 117 4.53 -18.17 28.47
C TRP A 117 3.69 -18.80 29.58
N LYS A 118 2.96 -18.00 30.34
CA LYS A 118 1.90 -18.44 31.27
C LYS A 118 0.55 -17.96 30.72
N PRO A 119 -0.35 -18.86 30.29
CA PRO A 119 -1.68 -18.43 29.86
C PRO A 119 -2.35 -17.77 31.08
N VAL A 120 -3.03 -16.64 30.87
CA VAL A 120 -3.67 -15.88 31.97
C VAL A 120 -4.92 -15.21 31.41
N THR A 121 -5.80 -14.77 32.31
CA THR A 121 -7.13 -14.18 31.99
C THR A 121 -6.95 -12.76 31.45
N TRP A 122 -7.94 -12.27 30.70
CA TRP A 122 -8.00 -10.88 30.19
C TRP A 122 -7.87 -9.92 31.36
N ASP A 123 -8.68 -10.12 32.41
CA ASP A 123 -8.80 -9.26 33.61
C ASP A 123 -7.45 -9.12 34.33
N PHE A 124 -6.63 -10.17 34.36
CA PHE A 124 -5.27 -10.12 34.95
C PHE A 124 -4.41 -9.20 34.06
N ALA A 125 -4.16 -9.63 32.83
CA ALA A 125 -3.33 -8.94 31.81
C ALA A 125 -3.63 -7.44 31.78
N LEU A 126 -4.91 -7.06 31.64
CA LEU A 126 -5.32 -5.63 31.47
C LEU A 126 -5.08 -4.85 32.76
N THR A 127 -5.46 -5.39 33.94
CA THR A 127 -5.24 -4.70 35.23
C THR A 127 -3.73 -4.51 35.37
N GLU A 128 -2.95 -5.58 35.19
CA GLU A 128 -1.46 -5.56 35.33
C GLU A 128 -0.81 -4.63 34.30
N ILE A 129 -1.41 -4.48 33.11
CA ILE A 129 -0.86 -3.56 32.07
C ILE A 129 -1.17 -2.12 32.48
N ALA A 130 -2.41 -1.82 32.88
CA ALA A 130 -2.84 -0.47 33.35
C ALA A 130 -1.92 -0.01 34.49
N LYS A 131 -1.51 -0.93 35.37
CA LYS A 131 -0.58 -0.63 36.49
C LYS A 131 0.76 -0.16 35.93
N ARG A 132 1.35 -0.92 34.99
CA ARG A 132 2.64 -0.58 34.33
C ARG A 132 2.53 0.81 33.71
N ILE A 133 1.45 1.06 32.96
CA ILE A 133 1.18 2.38 32.29
C ILE A 133 1.21 3.46 33.38
N LYS A 134 0.34 3.34 34.38
CA LYS A 134 0.21 4.36 35.46
C LYS A 134 1.57 4.56 36.15
N LYS A 135 2.24 3.46 36.50
CA LYS A 135 3.53 3.48 37.24
C LYS A 135 4.55 4.27 36.42
N THR A 136 4.76 3.87 35.17
CA THR A 136 5.72 4.49 34.22
C THR A 136 5.33 5.95 33.93
N ARG A 137 4.04 6.23 33.75
CA ARG A 137 3.53 7.60 33.49
C ARG A 137 3.75 8.50 34.71
N ASP A 138 3.25 8.09 35.87
CA ASP A 138 3.46 8.81 37.16
C ASP A 138 4.95 9.12 37.31
N ALA A 139 5.82 8.12 37.20
CA ALA A 139 7.28 8.24 37.43
C ALA A 139 7.93 9.22 36.43
N SER A 140 7.43 9.26 35.19
CA SER A 140 8.11 9.85 34.02
C SER A 140 7.43 11.14 33.58
N PHE A 141 6.22 11.42 34.05
CA PHE A 141 5.41 12.56 33.53
C PHE A 141 6.17 13.87 33.79
N THR A 142 6.35 14.64 32.72
CA THR A 142 6.94 16.00 32.68
C THR A 142 5.82 17.02 32.43
N GLU A 143 5.62 17.97 33.34
CA GLU A 143 4.63 19.06 33.16
C GLU A 143 5.23 20.19 32.32
N LYS A 144 6.56 20.37 32.35
CA LYS A 144 7.29 21.43 31.61
C LYS A 144 8.70 20.98 31.23
N ASN A 145 9.13 21.30 30.01
CA ASN A 145 10.51 21.03 29.50
C ASN A 145 11.53 21.93 30.25
N ALA A 146 12.82 21.79 29.94
CA ALA A 146 13.94 22.57 30.54
C ALA A 146 13.67 24.08 30.42
N ALA A 147 13.11 24.53 29.30
CA ALA A 147 12.71 25.94 29.06
C ALA A 147 11.44 26.30 29.86
N GLY A 148 10.98 25.42 30.75
CA GLY A 148 9.76 25.59 31.57
C GLY A 148 8.52 25.89 30.75
N ASP A 149 8.41 25.36 29.52
CA ASP A 149 7.21 25.45 28.67
C ASP A 149 6.30 24.24 28.92
N LEU A 150 4.98 24.42 28.88
CA LEU A 150 3.98 23.35 29.20
C LEU A 150 4.03 22.30 28.09
N VAL A 151 4.18 21.03 28.46
CA VAL A 151 4.21 19.89 27.50
C VAL A 151 3.25 18.78 27.96
N ASN A 152 3.20 18.47 29.26
CA ASN A 152 2.19 17.53 29.83
C ASN A 152 2.25 16.19 29.08
N ARG A 153 3.37 15.47 29.21
CA ARG A 153 3.68 14.25 28.40
C ARG A 153 4.53 13.25 29.21
N THR A 154 4.68 12.03 28.69
CA THR A 154 5.66 11.01 29.16
C THR A 154 6.43 10.45 27.95
N GLU A 155 7.76 10.44 28.04
CA GLU A 155 8.71 9.98 26.99
C GLU A 155 9.26 8.60 27.38
N ALA A 156 8.65 7.95 28.38
CA ALA A 156 9.10 6.67 28.96
C ALA A 156 8.36 5.49 28.30
N ILE A 157 7.28 5.79 27.56
CA ILE A 157 6.46 4.82 26.76
C ILE A 157 6.40 5.28 25.30
N ALA A 158 6.70 4.36 24.38
CA ALA A 158 6.47 4.50 22.91
C ALA A 158 5.42 3.49 22.44
N SER A 159 4.64 3.85 21.42
CA SER A 159 3.66 2.96 20.71
C SER A 159 4.04 2.81 19.24
N PHE A 160 3.99 1.57 18.74
CA PHE A 160 4.04 1.22 17.30
C PHE A 160 2.69 0.65 16.89
N GLY A 161 2.09 1.21 15.83
CA GLY A 161 0.95 0.58 15.14
C GLY A 161 -0.32 1.43 15.19
N SER A 162 -1.29 1.06 14.34
CA SER A 162 -1.07 0.07 13.29
C SER A 162 -2.01 0.39 12.12
N ALA A 163 -1.51 0.21 10.89
CA ALA A 163 -2.28 0.41 9.65
C ALA A 163 -3.29 -0.72 9.45
N ALA A 164 -3.22 -1.79 10.24
CA ALA A 164 -4.06 -3.00 10.07
C ALA A 164 -5.35 -2.88 10.90
N MET A 165 -5.44 -1.96 11.86
CA MET A 165 -6.67 -1.80 12.67
C MET A 165 -7.75 -1.07 11.86
N ASP A 166 -9.01 -1.15 12.30
CA ASP A 166 -10.14 -0.38 11.71
C ASP A 166 -9.90 1.10 12.01
N ASN A 167 -10.49 1.97 11.20
CA ASN A 167 -10.33 3.44 11.33
C ASN A 167 -10.75 3.91 12.72
N GLU A 168 -11.79 3.28 13.28
CA GLU A 168 -12.44 3.71 14.57
C GLU A 168 -11.53 3.28 15.72
N GLU A 169 -10.79 2.19 15.52
CA GLU A 169 -9.80 1.64 16.49
C GLU A 169 -8.54 2.51 16.42
N CYS A 170 -8.13 2.88 15.21
CA CYS A 170 -6.97 3.78 14.97
C CYS A 170 -7.20 5.12 15.69
N TRP A 171 -8.35 5.75 15.42
CA TRP A 171 -8.78 7.03 16.05
C TRP A 171 -8.86 6.86 17.56
N ALA A 172 -9.55 5.84 18.06
CA ALA A 172 -9.67 5.59 19.52
C ALA A 172 -8.27 5.48 20.13
N TYR A 173 -7.38 4.75 19.47
CA TYR A 173 -6.03 4.40 20.00
C TYR A 173 -5.19 5.66 20.18
N GLY A 174 -5.10 6.50 19.14
CA GLY A 174 -4.26 7.72 19.11
C GLY A 174 -4.69 8.71 20.18
N ASN A 175 -5.98 8.75 20.50
CA ASN A 175 -6.54 9.64 21.54
C ASN A 175 -6.34 9.04 22.93
N ILE A 176 -6.36 7.72 23.05
CA ILE A 176 -6.04 7.00 24.32
C ILE A 176 -4.58 7.29 24.66
N LEU A 177 -3.65 7.10 23.73
CA LEU A 177 -2.19 7.31 23.95
C LEU A 177 -1.93 8.78 24.33
N ARG A 178 -2.58 9.74 23.68
CA ARG A 178 -2.33 11.19 23.88
C ARG A 178 -2.97 11.63 25.21
N SER A 179 -4.01 10.94 25.69
CA SER A 179 -4.65 11.21 27.00
C SER A 179 -3.74 10.69 28.13
N LEU A 180 -2.85 9.74 27.79
CA LEU A 180 -1.76 9.25 28.68
C LEU A 180 -0.52 10.12 28.50
N GLY A 181 -0.53 11.00 27.49
CA GLY A 181 0.54 11.98 27.23
C GLY A 181 1.70 11.42 26.43
N LEU A 182 1.49 10.41 25.57
CA LEU A 182 2.57 9.90 24.68
C LEU A 182 2.82 10.89 23.53
N VAL A 183 4.06 10.98 23.06
CA VAL A 183 4.44 11.82 21.90
C VAL A 183 5.08 10.91 20.85
N TYR A 184 5.79 9.87 21.31
CA TYR A 184 6.42 8.82 20.48
C TYR A 184 5.35 7.81 20.06
N ILE A 185 4.50 8.23 19.11
CA ILE A 185 3.43 7.46 18.44
C ILE A 185 3.80 7.36 16.95
N GLU A 186 4.10 6.16 16.47
CA GLU A 186 4.44 5.91 15.05
C GLU A 186 3.79 4.61 14.55
N HIS A 187 3.94 4.34 13.26
CA HIS A 187 3.46 3.09 12.61
C HIS A 187 4.08 2.99 11.21
N GLN A 188 3.58 2.03 10.43
CA GLN A 188 4.04 1.63 9.08
C GLN A 188 4.18 2.87 8.18
N ALA A 189 3.20 3.77 8.25
CA ALA A 189 3.01 4.94 7.34
C ALA A 189 4.31 5.75 7.21
N ARG A 190 5.08 5.87 8.30
CA ARG A 190 6.33 6.68 8.37
C ARG A 190 7.20 6.45 7.13
N ILE A 191 7.35 5.18 6.73
CA ILE A 191 8.30 4.73 5.66
C ILE A 191 7.88 5.23 4.28
N SEC A 192 6.58 5.48 4.03
CA SEC A 192 6.06 6.01 2.74
C SEC A 192 5.45 7.41 2.90
N HIS A 193 5.23 7.88 4.14
CA HIS A 193 4.67 9.23 4.42
C HIS A 193 5.77 10.25 4.16
N SER A 194 6.85 10.16 4.93
CA SER A 194 7.96 11.15 4.96
C SER A 194 8.32 11.61 3.55
N PRO A 195 8.38 10.72 2.53
CA PRO A 195 8.57 11.15 1.15
C PRO A 195 7.31 11.74 0.51
N THR A 196 6.25 10.94 0.38
CA THR A 196 5.06 11.20 -0.46
C THR A 196 4.34 12.48 -0.02
N VAL A 197 3.97 12.57 1.25
CA VAL A 197 3.00 13.59 1.72
C VAL A 197 3.59 14.99 1.53
N PRO A 198 4.82 15.29 2.03
CA PRO A 198 5.43 16.60 1.76
C PRO A 198 5.54 16.90 0.26
N ALA A 199 5.94 15.93 -0.56
CA ALA A 199 6.13 16.14 -2.02
C ALA A 199 4.81 16.56 -2.65
N LEU A 200 3.74 15.78 -2.44
CA LEU A 200 2.43 16.02 -3.10
C LEU A 200 1.72 17.19 -2.44
N ALA A 201 1.90 17.37 -1.13
CA ALA A 201 1.34 18.52 -0.39
C ALA A 201 1.97 19.81 -0.93
N GLU A 202 3.29 19.80 -1.17
CA GLU A 202 4.02 20.96 -1.74
C GLU A 202 3.47 21.28 -3.13
N SER A 203 3.19 20.24 -3.91
CA SER A 203 2.85 20.38 -5.34
C SER A 203 1.36 20.70 -5.51
N PHE A 204 0.47 20.14 -4.69
CA PHE A 204 -0.99 20.13 -4.96
C PHE A 204 -1.82 20.58 -3.74
N GLY A 205 -1.26 20.50 -2.52
CA GLY A 205 -1.92 20.98 -1.29
C GLY A 205 -2.34 19.84 -0.40
N ARG A 206 -2.37 18.61 -0.92
CA ARG A 206 -2.67 17.37 -0.18
C ARG A 206 -1.60 16.34 -0.53
N GLY A 207 -1.38 15.35 0.34
CA GLY A 207 -0.38 14.29 0.20
C GLY A 207 -0.98 12.98 -0.33
N ALA A 208 -2.27 12.99 -0.65
CA ALA A 208 -3.06 11.78 -0.98
C ALA A 208 -2.83 11.37 -2.43
N MET A 209 -2.96 10.05 -2.68
CA MET A 209 -3.21 9.48 -4.02
C MET A 209 -4.32 10.32 -4.66
N THR A 210 -4.01 10.91 -5.81
CA THR A 210 -4.79 11.98 -6.49
C THR A 210 -6.08 11.37 -7.06
N ASN A 211 -5.99 10.17 -7.65
CA ASN A 211 -7.13 9.50 -8.32
C ASN A 211 -7.51 8.26 -7.49
N HIS A 212 -7.94 7.17 -8.13
CA HIS A 212 -8.39 5.92 -7.47
C HIS A 212 -8.25 4.77 -8.47
N TRP A 213 -8.34 3.53 -7.99
CA TRP A 213 -7.94 2.30 -8.73
C TRP A 213 -8.69 2.17 -10.08
N ASN A 214 -10.02 2.30 -10.08
CA ASN A 214 -10.88 2.16 -11.29
C ASN A 214 -10.46 3.21 -12.34
N ASP A 215 -10.07 4.40 -11.91
CA ASP A 215 -9.65 5.50 -12.82
C ASP A 215 -8.43 5.12 -13.68
N LEU A 216 -7.58 4.17 -13.25
CA LEU A 216 -6.41 3.67 -14.03
C LEU A 216 -6.86 3.26 -15.45
N ALA A 217 -8.07 2.69 -15.57
CA ALA A 217 -8.65 2.19 -16.82
C ALA A 217 -8.85 3.32 -17.85
N ASN A 218 -8.78 4.59 -17.45
CA ASN A 218 -9.02 5.76 -18.32
C ASN A 218 -7.71 6.39 -18.83
N SER A 219 -6.55 5.89 -18.43
CA SER A 219 -5.24 6.47 -18.80
C SER A 219 -4.89 6.09 -20.25
N ASP A 220 -4.18 6.96 -20.96
CA ASP A 220 -3.66 6.70 -22.33
C ASP A 220 -2.18 6.28 -22.29
N CYS A 221 -1.47 6.61 -21.20
CA CYS A 221 -0.11 6.10 -20.90
C CYS A 221 0.06 5.90 -19.40
N ILE A 222 0.30 4.66 -18.98
CA ILE A 222 0.54 4.28 -17.56
C ILE A 222 2.04 4.01 -17.40
N LEU A 223 2.71 4.85 -16.60
CA LEU A 223 4.14 4.70 -16.22
C LEU A 223 4.21 4.17 -14.79
N ILE A 224 4.75 2.96 -14.62
CA ILE A 224 4.95 2.29 -13.31
C ILE A 224 6.45 2.36 -12.99
N MET A 225 6.81 3.16 -11.97
CA MET A 225 8.21 3.51 -11.63
C MET A 225 8.33 3.61 -10.11
N GLY A 226 9.13 2.73 -9.51
CA GLY A 226 9.13 2.51 -8.05
C GLY A 226 7.85 1.83 -7.59
N SER A 227 7.24 0.98 -8.42
CA SER A 227 6.13 0.06 -8.05
C SER A 227 6.27 -1.25 -8.81
N ASN A 228 5.78 -2.32 -8.19
CA ASN A 228 5.63 -3.67 -8.80
C ASN A 228 4.19 -4.10 -8.55
N ALA A 229 3.27 -3.29 -9.08
CA ALA A 229 1.82 -3.29 -8.76
C ALA A 229 1.17 -4.65 -9.11
N ALA A 230 1.67 -5.39 -10.10
CA ALA A 230 1.08 -6.71 -10.46
C ALA A 230 1.30 -7.71 -9.32
N GLU A 231 2.26 -7.43 -8.43
CA GLU A 231 2.59 -8.28 -7.24
C GLU A 231 2.10 -7.63 -5.95
N ASN A 232 2.13 -6.31 -5.85
CA ASN A 232 1.95 -5.58 -4.57
C ASN A 232 0.59 -4.86 -4.52
N HIS A 233 -0.07 -4.64 -5.66
CA HIS A 233 -1.47 -4.16 -5.74
C HIS A 233 -2.24 -4.94 -6.82
N PRO A 234 -2.19 -6.30 -6.77
CA PRO A 234 -2.49 -7.12 -7.94
C PRO A 234 -3.78 -6.76 -8.69
N ILE A 235 -4.88 -6.50 -7.99
CA ILE A 235 -6.19 -6.17 -8.63
C ILE A 235 -6.08 -4.85 -9.41
N ALA A 236 -5.14 -3.97 -9.08
CA ALA A 236 -4.89 -2.74 -9.89
C ALA A 236 -4.74 -3.16 -11.34
N PHE A 237 -4.19 -4.34 -11.59
CA PHE A 237 -3.81 -4.78 -12.96
C PHE A 237 -5.08 -5.11 -13.76
N LYS A 238 -6.19 -5.36 -13.10
CA LYS A 238 -7.51 -5.38 -13.79
C LYS A 238 -7.62 -4.12 -14.65
N TRP A 239 -7.42 -2.95 -14.04
CA TRP A 239 -7.77 -1.65 -14.67
C TRP A 239 -6.64 -1.18 -15.57
N VAL A 240 -5.40 -1.52 -15.22
CA VAL A 240 -4.19 -1.21 -16.03
C VAL A 240 -4.35 -1.89 -17.40
N LEU A 241 -4.77 -3.15 -17.42
CA LEU A 241 -4.95 -3.92 -18.69
C LEU A 241 -6.18 -3.42 -19.44
N ARG A 242 -7.21 -2.98 -18.71
CA ARG A 242 -8.43 -2.35 -19.31
C ARG A 242 -7.99 -1.05 -20.00
N ALA A 243 -7.08 -0.29 -19.40
CA ALA A 243 -6.42 0.87 -20.05
C ALA A 243 -5.80 0.42 -21.37
N LYS A 244 -4.98 -0.63 -21.32
CA LYS A 244 -4.25 -1.14 -22.52
C LYS A 244 -5.27 -1.62 -23.56
N ASP A 245 -6.39 -2.19 -23.13
CA ASP A 245 -7.49 -2.61 -24.04
C ASP A 245 -8.06 -1.41 -24.80
N LYS A 246 -7.97 -0.20 -24.23
CA LYS A 246 -8.48 1.06 -24.84
C LYS A 246 -7.34 1.80 -25.56
N GLY A 247 -6.17 1.18 -25.71
CA GLY A 247 -5.04 1.69 -26.53
C GLY A 247 -3.90 2.30 -25.72
N ALA A 248 -3.95 2.27 -24.39
CA ALA A 248 -2.89 2.81 -23.50
C ALA A 248 -1.58 2.04 -23.72
N THR A 249 -0.46 2.74 -23.65
CA THR A 249 0.91 2.16 -23.54
C THR A 249 1.18 1.94 -22.05
N LEU A 250 1.72 0.77 -21.69
CA LEU A 250 2.09 0.40 -20.30
C LEU A 250 3.62 0.37 -20.20
N ILE A 251 4.18 1.24 -19.38
CA ILE A 251 5.65 1.38 -19.22
C ILE A 251 6.02 1.00 -17.79
N HIS A 252 6.87 -0.03 -17.62
CA HIS A 252 7.50 -0.43 -16.33
C HIS A 252 8.97 0.02 -16.31
N VAL A 253 9.36 0.84 -15.34
CA VAL A 253 10.75 1.33 -15.13
C VAL A 253 11.23 0.78 -13.79
N ASP A 254 12.14 -0.19 -13.81
CA ASP A 254 12.58 -0.96 -12.62
C ASP A 254 13.97 -1.52 -12.87
N PRO A 255 14.84 -1.53 -11.84
CA PRO A 255 16.11 -2.25 -11.88
C PRO A 255 15.96 -3.74 -12.24
N ARG A 256 14.80 -4.33 -11.92
CA ARG A 256 14.52 -5.79 -12.07
C ARG A 256 13.37 -6.00 -13.04
N PHE A 257 13.37 -7.14 -13.72
CA PHE A 257 12.24 -7.63 -14.54
C PHE A 257 11.36 -8.50 -13.65
N THR A 258 10.16 -8.02 -13.34
CA THR A 258 9.20 -8.62 -12.37
C THR A 258 7.99 -9.19 -13.11
N ARG A 259 6.99 -9.66 -12.36
CA ARG A 259 5.72 -10.14 -12.94
C ARG A 259 4.99 -8.95 -13.55
N THR A 260 5.19 -7.73 -13.02
CA THR A 260 4.68 -6.48 -13.63
C THR A 260 5.25 -6.30 -15.04
N SER A 261 6.58 -6.38 -15.18
CA SER A 261 7.30 -6.17 -16.46
C SER A 261 6.72 -7.08 -17.55
N ALA A 262 6.37 -8.32 -17.20
CA ALA A 262 5.89 -9.36 -18.14
C ALA A 262 4.67 -8.87 -18.92
N ARG A 263 3.93 -7.90 -18.40
CA ARG A 263 2.59 -7.51 -18.89
C ARG A 263 2.57 -6.02 -19.28
N CYS A 264 3.73 -5.37 -19.33
CA CYS A 264 3.84 -3.97 -19.83
C CYS A 264 4.33 -4.02 -21.28
N ASP A 265 4.12 -2.93 -22.01
CA ASP A 265 4.46 -2.78 -23.44
C ASP A 265 5.95 -2.46 -23.56
N VAL A 266 6.49 -1.77 -22.56
CA VAL A 266 7.91 -1.36 -22.48
C VAL A 266 8.41 -1.67 -21.08
N TYR A 267 9.46 -2.49 -20.98
CA TYR A 267 10.27 -2.64 -19.76
C TYR A 267 11.62 -1.95 -19.98
N ALA A 268 11.85 -0.87 -19.24
CA ALA A 268 13.10 -0.06 -19.31
C ALA A 268 13.84 -0.28 -18.00
N PRO A 269 15.03 -0.93 -18.02
CA PRO A 269 15.81 -1.12 -16.81
C PRO A 269 16.35 0.25 -16.36
N ILE A 270 16.60 0.41 -15.06
CA ILE A 270 17.15 1.66 -14.46
C ILE A 270 18.01 1.24 -13.26
N ARG A 271 19.21 1.80 -13.16
CA ARG A 271 20.10 1.46 -12.03
C ARG A 271 19.49 2.12 -10.79
N SER A 272 19.63 1.47 -9.64
CA SER A 272 19.08 1.95 -8.34
C SER A 272 19.51 3.40 -8.11
N GLY A 273 18.57 4.28 -7.80
CA GLY A 273 18.83 5.65 -7.38
C GLY A 273 18.96 6.62 -8.54
N ALA A 274 18.76 6.17 -9.78
CA ALA A 274 18.94 7.00 -11.01
C ALA A 274 17.62 7.65 -11.48
N ASP A 275 16.62 7.78 -10.60
CA ASP A 275 15.23 8.20 -10.90
C ASP A 275 15.17 9.68 -11.27
N ILE A 276 15.82 10.54 -10.49
CA ILE A 276 15.75 12.01 -10.73
C ILE A 276 16.40 12.34 -12.07
N PRO A 277 17.59 11.77 -12.40
CA PRO A 277 18.13 11.91 -13.75
C PRO A 277 17.05 11.63 -14.81
N PHE A 278 16.40 10.47 -14.68
CA PHE A 278 15.36 9.98 -15.63
C PHE A 278 14.22 11.01 -15.73
N LEU A 279 13.70 11.41 -14.57
CA LEU A 279 12.54 12.34 -14.47
C LEU A 279 12.94 13.72 -14.98
N GLY A 280 14.13 14.19 -14.65
CA GLY A 280 14.69 15.47 -15.13
C GLY A 280 14.90 15.47 -16.62
N GLY A 281 15.45 14.40 -17.19
CA GLY A 281 15.59 14.20 -18.64
C GLY A 281 14.24 14.28 -19.35
N LEU A 282 13.17 13.75 -18.73
CA LEU A 282 11.77 13.85 -19.24
C LEU A 282 11.28 15.31 -19.19
N ILE A 283 11.60 16.07 -18.15
CA ILE A 283 11.16 17.49 -18.03
C ILE A 283 11.79 18.31 -19.18
N LYS A 284 13.10 18.15 -19.40
CA LYS A 284 13.83 18.82 -20.51
C LYS A 284 13.17 18.44 -21.85
N TYR A 285 12.89 17.15 -22.04
CA TYR A 285 12.25 16.60 -23.26
C TYR A 285 10.92 17.34 -23.52
N ILE A 286 10.08 17.46 -22.48
CA ILE A 286 8.72 18.09 -22.56
C ILE A 286 8.86 19.57 -22.95
N LEU A 287 9.78 20.29 -22.31
CA LEU A 287 9.97 21.75 -22.51
C LEU A 287 10.58 22.03 -23.88
N ASP A 288 11.59 21.26 -24.29
CA ASP A 288 12.34 21.45 -25.56
C ASP A 288 11.45 21.13 -26.75
N ASN A 289 10.62 20.10 -26.64
CA ASN A 289 9.70 19.66 -27.72
C ASN A 289 8.34 20.36 -27.61
N LYS A 290 8.19 21.29 -26.66
CA LYS A 290 6.93 22.05 -26.45
C LYS A 290 5.73 21.10 -26.42
N LEU A 291 5.81 20.00 -25.66
CA LEU A 291 4.77 18.94 -25.56
C LEU A 291 3.87 19.17 -24.34
N TYR A 292 4.11 20.24 -23.59
CA TYR A 292 3.33 20.59 -22.37
C TYR A 292 1.92 21.02 -22.78
N PHE A 293 1.00 21.02 -21.82
CA PHE A 293 -0.36 21.58 -21.95
C PHE A 293 -0.28 23.08 -21.63
N THR A 294 -0.16 23.91 -22.67
CA THR A 294 0.14 25.35 -22.60
C THR A 294 -0.90 26.09 -21.74
N ASP A 295 -2.19 25.91 -22.00
CA ASP A 295 -3.24 26.67 -21.27
C ASP A 295 -3.28 26.19 -19.82
N TYR A 296 -3.18 24.88 -19.58
CA TYR A 296 -3.19 24.29 -18.23
C TYR A 296 -2.06 24.92 -17.39
N VAL A 297 -0.83 24.86 -17.92
CA VAL A 297 0.40 25.42 -17.30
C VAL A 297 0.19 26.91 -16.95
N ARG A 298 -0.19 27.72 -17.95
CA ARG A 298 -0.31 29.20 -17.82
C ARG A 298 -1.26 29.57 -16.66
N GLU A 299 -2.34 28.83 -16.42
CA GLU A 299 -3.42 29.33 -15.51
C GLU A 299 -3.56 28.48 -14.24
N TYR A 300 -3.13 27.21 -14.23
CA TYR A 300 -3.42 26.29 -13.10
C TYR A 300 -2.14 26.00 -12.32
N THR A 301 -0.98 26.15 -12.94
CA THR A 301 0.35 26.00 -12.29
C THR A 301 0.86 27.39 -11.90
N ASN A 302 1.94 27.45 -11.10
CA ASN A 302 2.63 28.70 -10.67
C ASN A 302 3.67 29.11 -11.73
N ALA A 303 3.56 28.59 -12.97
CA ALA A 303 4.50 28.80 -14.09
C ALA A 303 4.80 30.28 -14.28
N SER A 304 3.79 31.13 -14.01
CA SER A 304 3.80 32.60 -14.27
C SER A 304 4.28 33.37 -13.03
N LEU A 305 4.25 32.76 -11.84
CA LEU A 305 4.71 33.47 -10.62
C LEU A 305 6.18 33.90 -10.81
N ILE A 306 6.50 35.12 -10.34
CA ILE A 306 7.87 35.70 -10.38
C ILE A 306 8.59 35.31 -9.08
N VAL A 307 9.71 34.59 -9.22
CA VAL A 307 10.63 34.23 -8.12
C VAL A 307 11.55 35.44 -7.84
N GLY A 308 11.82 35.75 -6.57
CA GLY A 308 12.69 36.86 -6.14
C GLY A 308 14.05 36.80 -6.82
N GLU A 309 14.83 37.88 -6.73
CA GLU A 309 16.21 37.94 -7.29
C GLU A 309 17.18 37.15 -6.41
N LYS A 310 16.80 36.87 -5.15
CA LYS A 310 17.61 36.11 -4.17
C LYS A 310 17.77 34.65 -4.62
N PHE A 311 16.78 34.10 -5.34
CA PHE A 311 16.84 32.72 -5.88
C PHE A 311 17.98 32.63 -6.89
N SER A 312 18.88 31.67 -6.69
CA SER A 312 19.89 31.22 -7.68
C SER A 312 20.16 29.73 -7.48
N PHE A 313 20.85 29.13 -8.44
CA PHE A 313 21.36 27.74 -8.38
C PHE A 313 22.66 27.72 -9.16
N LYS A 314 23.72 27.17 -8.57
CA LYS A 314 25.09 27.19 -9.15
C LYS A 314 25.90 26.07 -8.48
N ASP A 315 26.67 25.31 -9.27
CA ASP A 315 27.60 24.25 -8.79
C ASP A 315 26.83 23.14 -8.05
N GLY A 316 25.51 23.04 -8.22
CA GLY A 316 24.67 22.04 -7.52
C GLY A 316 24.17 22.52 -6.16
N LEU A 317 24.30 23.81 -5.83
CA LEU A 317 23.75 24.42 -4.59
C LEU A 317 22.74 25.51 -4.94
N PHE A 318 21.62 25.57 -4.24
CA PHE A 318 20.65 26.70 -4.32
C PHE A 318 21.22 27.85 -3.48
N SER A 319 20.69 29.06 -3.70
CA SER A 319 21.07 30.28 -2.94
C SER A 319 20.70 30.09 -1.46
N GLY A 320 21.36 30.83 -0.56
CA GLY A 320 21.09 30.80 0.89
C GLY A 320 21.60 29.52 1.55
N TYR A 321 22.66 28.90 1.03
CA TYR A 321 23.23 27.67 1.61
C TYR A 321 24.18 28.01 2.75
N ASP A 322 23.96 27.36 3.90
CA ASP A 322 24.72 27.52 5.16
C ASP A 322 25.54 26.24 5.34
N ALA A 323 26.78 26.24 4.80
CA ALA A 323 27.72 25.11 4.73
C ALA A 323 28.03 24.60 6.14
N ALA A 324 28.01 25.49 7.14
CA ALA A 324 28.23 25.15 8.57
C ALA A 324 27.26 24.04 8.97
N ASN A 325 25.96 24.31 8.88
CA ASN A 325 24.87 23.44 9.37
C ASN A 325 24.25 22.61 8.24
N LYS A 326 24.81 22.65 7.03
CA LYS A 326 24.29 21.92 5.85
C LYS A 326 22.76 22.12 5.79
N LYS A 327 22.32 23.38 5.79
CA LYS A 327 20.90 23.81 5.83
C LYS A 327 20.72 24.92 4.79
N TYR A 328 19.51 25.14 4.30
CA TYR A 328 19.20 26.22 3.33
C TYR A 328 18.34 27.27 4.02
N ASP A 329 18.61 28.54 3.74
CA ASP A 329 17.76 29.69 4.13
C ASP A 329 16.68 29.87 3.04
N LYS A 330 15.61 29.09 3.14
CA LYS A 330 14.53 28.97 2.11
C LYS A 330 13.93 30.35 1.82
N SER A 331 14.01 31.28 2.77
CA SER A 331 13.55 32.69 2.64
C SER A 331 14.18 33.34 1.41
N MET A 332 15.33 32.83 0.95
CA MET A 332 16.05 33.30 -0.27
C MET A 332 15.36 32.80 -1.56
N TRP A 333 14.33 31.96 -1.46
CA TRP A 333 13.59 31.37 -2.63
C TRP A 333 12.19 31.97 -2.75
N ALA A 334 11.86 32.93 -1.88
CA ALA A 334 10.55 33.60 -1.84
C ALA A 334 10.22 34.18 -3.22
N PHE A 335 8.93 34.33 -3.50
CA PHE A 335 8.43 35.02 -4.71
C PHE A 335 8.62 36.53 -4.52
N GLU A 336 8.80 37.27 -5.62
CA GLU A 336 8.53 38.72 -5.67
C GLU A 336 7.03 38.93 -5.40
N LEU A 337 6.69 39.75 -4.40
CA LEU A 337 5.28 40.06 -4.01
C LEU A 337 4.85 41.41 -4.61
N ASP A 338 3.57 41.52 -4.98
CA ASP A 338 2.90 42.81 -5.33
C ASP A 338 2.61 43.58 -4.04
N ALA A 339 1.99 44.75 -4.14
CA ALA A 339 1.69 45.66 -3.01
C ALA A 339 0.89 44.93 -1.93
N ASN A 340 -0.09 44.12 -2.33
CA ASN A 340 -1.06 43.40 -1.44
C ASN A 340 -0.40 42.25 -0.66
N GLY A 341 0.79 41.79 -1.05
CA GLY A 341 1.46 40.61 -0.46
C GLY A 341 1.26 39.33 -1.28
N VAL A 342 0.56 39.42 -2.41
CA VAL A 342 0.34 38.30 -3.37
C VAL A 342 1.55 38.20 -4.30
N PRO A 343 2.08 36.98 -4.57
CA PRO A 343 3.19 36.82 -5.51
C PRO A 343 2.89 37.50 -6.85
N LYS A 344 3.87 38.15 -7.45
CA LYS A 344 3.73 38.79 -8.79
C LYS A 344 3.62 37.69 -9.86
N ARG A 345 2.88 38.00 -10.92
CA ARG A 345 2.63 37.10 -12.08
C ARG A 345 2.95 37.84 -13.39
N ASP A 346 3.62 37.18 -14.32
CA ASP A 346 3.69 37.60 -15.75
C ASP A 346 3.00 36.55 -16.60
N PRO A 347 1.67 36.66 -16.85
CA PRO A 347 0.95 35.66 -17.66
C PRO A 347 1.51 35.43 -19.07
N ALA A 348 2.33 36.35 -19.58
CA ALA A 348 3.01 36.26 -20.90
C ALA A 348 4.16 35.24 -20.81
N LEU A 349 4.61 34.92 -19.59
CA LEU A 349 5.71 33.97 -19.29
C LEU A 349 7.01 34.47 -19.94
N LYS A 350 7.18 35.79 -20.04
CA LYS A 350 8.36 36.46 -20.65
C LYS A 350 9.46 36.60 -19.59
N HIS A 351 9.11 37.23 -18.46
CA HIS A 351 10.04 37.59 -17.34
C HIS A 351 10.96 36.42 -17.07
N PRO A 352 12.30 36.59 -17.17
CA PRO A 352 13.24 35.48 -16.98
C PRO A 352 13.30 34.94 -15.55
N ARG A 353 12.57 35.54 -14.59
CA ARG A 353 12.40 35.04 -13.20
C ARG A 353 10.99 34.47 -13.00
N CYS A 354 10.24 34.24 -14.10
CA CYS A 354 9.03 33.38 -14.14
C CYS A 354 9.44 31.94 -13.80
N VAL A 355 8.66 31.28 -12.95
CA VAL A 355 8.88 29.86 -12.53
C VAL A 355 9.21 29.01 -13.77
N ILE A 356 8.43 29.14 -14.85
CA ILE A 356 8.55 28.27 -16.06
C ILE A 356 9.91 28.51 -16.74
N ASN A 357 10.41 29.74 -16.73
CA ASN A 357 11.68 30.11 -17.41
C ASN A 357 12.86 29.63 -16.58
N LEU A 358 12.78 29.75 -15.25
CA LEU A 358 13.78 29.21 -14.29
C LEU A 358 13.80 27.67 -14.41
N LEU A 359 12.62 27.07 -14.54
CA LEU A 359 12.44 25.60 -14.69
C LEU A 359 13.20 25.11 -15.93
N LYS A 360 12.93 25.73 -17.08
CA LYS A 360 13.60 25.45 -18.38
C LYS A 360 15.11 25.51 -18.16
N LYS A 361 15.61 26.64 -17.66
CA LYS A 361 17.05 26.85 -17.41
C LYS A 361 17.57 25.74 -16.49
N HIS A 362 16.84 25.39 -15.43
CA HIS A 362 17.31 24.40 -14.43
C HIS A 362 17.55 23.01 -15.06
N TYR A 363 16.66 22.52 -15.92
CA TYR A 363 16.67 21.10 -16.41
C TYR A 363 17.32 20.99 -17.79
N GLU A 364 17.96 22.06 -18.29
CA GLU A 364 18.65 22.02 -19.61
C GLU A 364 19.85 21.07 -19.54
N ARG A 365 20.38 20.79 -18.34
CA ARG A 365 21.61 19.97 -18.13
C ARG A 365 21.31 18.49 -18.34
N TYR A 366 20.03 18.09 -18.25
CA TYR A 366 19.61 16.67 -18.21
C TYR A 366 19.35 16.16 -19.63
N ASN A 367 20.36 16.23 -20.50
CA ASN A 367 20.25 15.73 -21.90
C ASN A 367 20.26 14.21 -21.89
N LEU A 368 19.81 13.61 -22.99
CA LEU A 368 19.63 12.13 -23.17
C LEU A 368 20.94 11.38 -22.90
N ASP A 369 22.11 11.95 -23.22
CA ASP A 369 23.41 11.24 -23.14
C ASP A 369 23.82 11.06 -21.69
N LYS A 370 23.79 12.13 -20.91
CA LYS A 370 24.09 12.08 -19.46
C LYS A 370 23.11 11.11 -18.81
N VAL A 371 21.81 11.28 -19.09
CA VAL A 371 20.71 10.52 -18.43
C VAL A 371 20.87 9.04 -18.79
N ALA A 372 21.09 8.72 -20.06
CA ALA A 372 21.28 7.34 -20.56
C ALA A 372 22.50 6.71 -19.88
N ALA A 373 23.57 7.49 -19.71
CA ALA A 373 24.84 7.06 -19.07
C ALA A 373 24.56 6.67 -17.62
N ILE A 374 23.85 7.50 -16.86
CA ILE A 374 23.71 7.31 -15.38
C ILE A 374 22.61 6.29 -15.08
N THR A 375 21.50 6.31 -15.80
CA THR A 375 20.36 5.37 -15.60
C THR A 375 20.75 3.97 -16.08
N GLY A 376 21.64 3.88 -17.08
CA GLY A 376 21.96 2.62 -17.78
C GLY A 376 20.91 2.27 -18.82
N THR A 377 19.93 3.15 -19.03
CA THR A 377 18.86 2.97 -20.03
C THR A 377 19.38 3.51 -21.35
N SER A 378 19.22 2.78 -22.45
CA SER A 378 19.69 3.19 -23.80
C SER A 378 19.00 4.50 -24.23
N LYS A 379 19.74 5.33 -24.97
CA LYS A 379 19.30 6.63 -25.55
C LYS A 379 18.00 6.41 -26.34
N GLU A 380 17.90 5.31 -27.09
CA GLU A 380 16.71 5.02 -27.95
C GLU A 380 15.52 4.60 -27.06
N GLN A 381 15.77 3.87 -25.97
CA GLN A 381 14.71 3.40 -25.04
C GLN A 381 14.19 4.55 -24.19
N LEU A 382 15.05 5.49 -23.80
CA LEU A 382 14.61 6.75 -23.13
C LEU A 382 13.71 7.56 -24.07
N GLN A 383 14.17 7.79 -25.31
CA GLN A 383 13.43 8.56 -26.37
C GLN A 383 12.04 7.94 -26.56
N GLN A 384 11.98 6.61 -26.60
CA GLN A 384 10.72 5.84 -26.76
C GLN A 384 9.80 6.14 -25.57
N VAL A 385 10.29 6.02 -24.33
CA VAL A 385 9.48 6.15 -23.09
C VAL A 385 8.99 7.59 -22.94
N TYR A 386 9.89 8.55 -23.17
CA TYR A 386 9.61 10.02 -23.11
C TYR A 386 8.52 10.37 -24.12
N LYS A 387 8.67 9.93 -25.38
CA LYS A 387 7.73 10.22 -26.48
C LYS A 387 6.36 9.64 -26.11
N ALA A 388 6.31 8.37 -25.71
CA ALA A 388 5.07 7.67 -25.31
C ALA A 388 4.36 8.47 -24.21
N TYR A 389 5.09 8.89 -23.16
CA TYR A 389 4.47 9.49 -21.96
C TYR A 389 4.18 10.99 -22.17
N ALA A 390 5.08 11.73 -22.82
CA ALA A 390 4.95 13.19 -23.06
C ALA A 390 3.84 13.43 -24.09
N ALA A 391 3.42 12.37 -24.80
CA ALA A 391 2.28 12.43 -25.74
C ALA A 391 1.01 12.80 -24.98
N THR A 392 0.93 12.51 -23.68
CA THR A 392 -0.29 12.74 -22.85
C THR A 392 -0.42 14.23 -22.47
N GLY A 393 0.50 15.07 -22.93
CA GLY A 393 0.38 16.55 -22.82
C GLY A 393 -0.75 17.09 -23.69
N LYS A 394 -1.21 16.32 -24.68
CA LYS A 394 -2.45 16.55 -25.46
C LYS A 394 -3.59 16.73 -24.46
N PRO A 395 -4.42 17.78 -24.60
CA PRO A 395 -5.59 17.95 -23.74
C PRO A 395 -6.51 16.74 -23.66
N ASP A 396 -6.63 15.96 -24.73
CA ASP A 396 -7.59 14.83 -24.85
C ASP A 396 -6.84 13.50 -24.61
N LYS A 397 -5.62 13.55 -24.09
CA LYS A 397 -4.86 12.36 -23.61
C LYS A 397 -4.46 12.58 -22.14
N ALA A 398 -4.50 11.51 -21.34
CA ALA A 398 -4.14 11.52 -19.91
C ALA A 398 -3.09 10.44 -19.67
N GLY A 399 -2.02 10.82 -18.98
CA GLY A 399 -0.95 9.92 -18.50
C GLY A 399 -0.97 9.88 -16.99
N THR A 400 -0.75 8.69 -16.40
CA THR A 400 -0.71 8.50 -14.93
C THR A 400 0.63 7.86 -14.56
N ILE A 401 1.16 8.23 -13.38
CA ILE A 401 2.35 7.63 -12.73
C ILE A 401 1.89 6.86 -11.50
N MET A 402 2.28 5.57 -11.44
CA MET A 402 2.11 4.67 -10.27
C MET A 402 3.49 4.43 -9.68
N TYR A 403 3.62 4.65 -8.38
CA TYR A 403 4.82 4.35 -7.57
C TYR A 403 4.33 3.98 -6.17
N ALA A 404 5.04 3.10 -5.49
CA ALA A 404 4.62 2.69 -4.12
C ALA A 404 5.74 3.05 -3.16
N MET A 405 6.65 2.11 -2.88
CA MET A 405 7.84 2.37 -2.07
C MET A 405 8.98 2.71 -3.04
N GLY A 406 9.19 1.85 -4.05
CA GLY A 406 10.38 1.94 -4.92
C GLY A 406 11.57 2.24 -4.04
N TRP A 407 12.51 3.07 -4.52
CA TRP A 407 13.60 3.60 -3.65
C TRP A 407 13.37 5.11 -3.42
N THR A 408 12.35 5.43 -2.62
CA THR A 408 11.95 6.80 -2.23
C THR A 408 12.18 6.99 -0.72
N GLN A 409 13.20 6.31 -0.17
CA GLN A 409 13.58 6.31 1.28
C GLN A 409 14.75 7.28 1.53
N HIS A 410 15.72 7.34 0.60
CA HIS A 410 16.88 8.25 0.64
C HIS A 410 16.40 9.71 0.75
N SER A 411 17.35 10.64 0.91
CA SER A 411 17.12 12.06 1.31
C SER A 411 16.53 12.88 0.16
N VAL A 412 16.42 12.32 -1.06
CA VAL A 412 15.84 13.04 -2.23
C VAL A 412 14.68 12.23 -2.84
N GLY A 413 14.16 11.23 -2.12
CA GLY A 413 12.89 10.56 -2.46
C GLY A 413 11.75 11.57 -2.53
N VAL A 414 11.65 12.48 -1.56
CA VAL A 414 10.67 13.61 -1.59
C VAL A 414 10.82 14.38 -2.91
N GLN A 415 12.05 14.53 -3.42
CA GLN A 415 12.38 15.30 -4.66
C GLN A 415 12.07 14.44 -5.89
N ASN A 416 12.31 13.14 -5.79
CA ASN A 416 11.95 12.12 -6.79
C ASN A 416 10.46 12.24 -7.16
N ILE A 417 9.59 12.29 -6.14
CA ILE A 417 8.10 12.39 -6.25
C ILE A 417 7.72 13.80 -6.68
N ARG A 418 8.38 14.83 -6.14
CA ARG A 418 8.22 16.24 -6.57
C ARG A 418 8.31 16.32 -8.11
N ALA A 419 9.31 15.66 -8.71
CA ALA A 419 9.59 15.67 -10.15
C ALA A 419 8.43 15.01 -10.92
N MET A 420 7.83 13.98 -10.32
CA MET A 420 6.66 13.25 -10.90
C MET A 420 5.48 14.22 -10.95
N ALA A 421 5.26 14.96 -9.85
CA ALA A 421 4.19 15.97 -9.75
C ALA A 421 4.39 17.03 -10.85
N MET A 422 5.61 17.56 -10.99
CA MET A 422 5.94 18.65 -11.94
C MET A 422 5.73 18.16 -13.39
N ILE A 423 6.06 16.92 -13.69
CA ILE A 423 5.85 16.35 -15.04
C ILE A 423 4.35 16.36 -15.33
N GLN A 424 3.54 15.94 -14.35
CA GLN A 424 2.06 15.82 -14.47
C GLN A 424 1.45 17.21 -14.60
N LEU A 425 2.00 18.20 -13.89
CA LEU A 425 1.52 19.59 -13.96
C LEU A 425 1.78 20.11 -15.40
N LEU A 426 2.97 19.87 -15.95
CA LEU A 426 3.38 20.33 -17.30
C LEU A 426 2.42 19.74 -18.36
N LEU A 427 2.07 18.45 -18.25
CA LEU A 427 1.21 17.72 -19.22
C LEU A 427 -0.30 17.87 -18.92
N GLY A 428 -0.70 18.67 -17.93
CA GLY A 428 -2.12 18.84 -17.58
C GLY A 428 -2.79 17.53 -17.17
N ASN A 429 -2.05 16.62 -16.54
CA ASN A 429 -2.53 15.29 -16.11
C ASN A 429 -3.08 15.31 -14.68
N ILE A 430 -3.10 16.45 -14.01
CA ILE A 430 -3.59 16.53 -12.60
C ILE A 430 -5.02 17.08 -12.59
N GLY A 431 -5.92 16.37 -11.91
CA GLY A 431 -7.36 16.69 -11.82
C GLY A 431 -8.20 15.91 -12.80
N VAL A 432 -7.57 15.09 -13.67
CA VAL A 432 -8.24 14.48 -14.86
C VAL A 432 -8.31 12.94 -14.75
N ALA A 433 -9.35 12.35 -15.34
CA ALA A 433 -9.55 10.88 -15.50
C ALA A 433 -8.37 10.28 -16.27
N GLY A 434 -7.73 9.26 -15.69
CA GLY A 434 -6.59 8.54 -16.30
C GLY A 434 -5.26 9.26 -16.08
N GLY A 435 -5.28 10.33 -15.27
CA GLY A 435 -4.08 11.12 -14.92
C GLY A 435 -3.68 10.92 -13.47
N GLY A 436 -3.14 11.95 -12.84
CA GLY A 436 -2.84 11.97 -11.40
C GLY A 436 -1.45 11.44 -11.08
N VAL A 437 -1.02 11.67 -9.85
CA VAL A 437 0.11 10.92 -9.23
C VAL A 437 -0.55 9.84 -8.37
N ASN A 438 -0.48 8.58 -8.80
CA ASN A 438 -1.09 7.44 -8.06
C ASN A 438 -0.02 6.86 -7.14
N ALA A 439 0.25 7.59 -6.07
CA ALA A 439 1.08 7.15 -4.92
C ALA A 439 0.31 6.02 -4.22
N LEU A 440 0.62 4.78 -4.58
CA LEU A 440 -0.08 3.58 -4.06
C LEU A 440 0.23 3.47 -2.55
N ARG A 441 -0.80 3.44 -1.70
CA ARG A 441 -0.64 3.08 -0.27
C ARG A 441 -0.38 1.56 -0.16
N GLY A 442 0.15 1.13 0.99
CA GLY A 442 0.55 -0.27 1.23
C GLY A 442 -0.56 -1.09 1.86
N GLU A 443 -0.78 -0.93 3.16
CA GLU A 443 -1.74 -1.73 3.97
C GLU A 443 -3.16 -1.22 3.76
N SER A 444 -4.12 -2.14 3.91
CA SER A 444 -5.59 -1.92 3.76
C SER A 444 -6.04 -0.60 4.39
N ASN A 445 -5.49 -0.21 5.56
CA ASN A 445 -5.92 1.05 6.24
C ASN A 445 -4.75 1.94 6.66
N VAL A 446 -3.59 1.85 6.00
CA VAL A 446 -2.47 2.80 6.24
C VAL A 446 -2.96 4.22 5.94
N GLN A 447 -3.79 4.40 4.90
CA GLN A 447 -4.39 5.71 4.53
C GLN A 447 -5.19 6.22 5.71
N GLY A 448 -6.03 5.36 6.29
CA GLY A 448 -6.93 5.69 7.42
C GLY A 448 -6.19 5.85 8.74
N SER A 449 -5.23 4.97 9.04
CA SER A 449 -4.42 5.02 10.28
C SER A 449 -3.61 6.34 10.31
N THR A 450 -3.13 6.82 9.16
CA THR A 450 -2.41 8.12 9.03
C THR A 450 -3.40 9.28 9.22
N ASP A 451 -4.60 9.16 8.63
CA ASP A 451 -5.73 10.11 8.78
C ASP A 451 -6.08 10.27 10.26
N GLN A 452 -5.84 9.24 11.10
CA GLN A 452 -6.18 9.26 12.54
C GLN A 452 -4.99 9.73 13.39
N GLY A 453 -3.92 10.19 12.75
CA GLY A 453 -2.75 10.80 13.41
C GLY A 453 -2.04 9.83 14.33
N LEU A 454 -1.77 8.59 13.88
CA LEU A 454 -0.85 7.63 14.55
C LEU A 454 0.57 7.81 14.01
N LEU A 455 0.92 9.05 13.66
CA LEU A 455 2.32 9.50 13.49
C LEU A 455 2.58 10.62 14.51
N ALA A 456 3.83 10.74 14.97
CA ALA A 456 4.27 11.61 16.09
C ALA A 456 3.91 13.08 15.86
N HIS A 457 3.83 13.51 14.60
CA HIS A 457 3.78 14.93 14.19
C HIS A 457 2.35 15.40 13.89
N ILE A 458 1.37 14.48 13.80
CA ILE A 458 -0.04 14.84 13.43
C ILE A 458 -1.04 14.30 14.43
N TRP A 459 -1.99 15.16 14.81
CA TRP A 459 -3.35 14.80 15.28
C TRP A 459 -4.17 14.27 14.10
N PRO A 460 -5.37 13.72 14.35
CA PRO A 460 -6.24 13.27 13.25
C PRO A 460 -6.55 14.45 12.33
N GLY A 461 -6.90 14.17 11.07
CA GLY A 461 -7.25 15.19 10.06
C GLY A 461 -6.05 16.06 9.65
N TYR A 462 -4.82 15.62 9.95
CA TYR A 462 -3.54 16.27 9.53
C TYR A 462 -3.40 17.66 10.17
N ASN A 463 -4.02 17.85 11.33
CA ASN A 463 -3.71 18.98 12.24
C ASN A 463 -2.43 18.60 12.97
N PRO A 464 -1.42 19.50 13.00
CA PRO A 464 -0.16 19.19 13.67
C PRO A 464 -0.33 18.97 15.18
N VAL A 465 0.45 18.04 15.72
CA VAL A 465 0.77 17.99 17.18
C VAL A 465 1.41 19.33 17.51
N PRO A 466 0.87 20.10 18.49
CA PRO A 466 1.49 21.35 18.90
C PRO A 466 2.91 21.13 19.46
N ASN A 467 3.81 22.09 19.30
CA ASN A 467 5.15 22.06 19.95
C ASN A 467 5.08 22.88 21.25
N SER A 468 6.13 22.79 22.07
CA SER A 468 6.26 23.44 23.41
C SER A 468 6.10 24.97 23.32
N LYS A 469 6.13 25.56 22.12
CA LYS A 469 6.05 27.04 21.89
C LYS A 469 4.65 27.48 21.48
N ALA A 470 3.69 26.56 21.32
CA ALA A 470 2.27 26.88 21.02
C ALA A 470 1.47 26.89 22.32
N ALA A 471 1.86 27.76 23.27
CA ALA A 471 1.35 27.83 24.67
C ALA A 471 -0.18 27.79 24.71
N THR A 472 -0.83 28.59 23.86
CA THR A 472 -2.31 28.72 23.77
C THR A 472 -2.82 28.09 22.46
N LEU A 473 -4.10 27.78 22.43
CA LEU A 473 -4.83 27.34 21.20
C LEU A 473 -4.74 28.43 20.14
N GLU A 474 -4.82 29.69 20.54
CA GLU A 474 -4.83 30.84 19.59
C GLU A 474 -3.48 30.91 18.87
N LEU A 475 -2.37 30.71 19.59
CA LEU A 475 -1.00 30.68 19.00
C LEU A 475 -0.90 29.53 18.00
N TYR A 476 -1.35 28.33 18.39
CA TYR A 476 -1.49 27.14 17.51
C TYR A 476 -2.11 27.59 16.18
N ASN A 477 -3.24 28.29 16.23
CA ASN A 477 -4.05 28.71 15.06
C ASN A 477 -3.31 29.79 14.25
N ALA A 478 -2.46 30.60 14.89
CA ALA A 478 -1.78 31.79 14.31
C ALA A 478 -0.81 31.35 13.21
N ALA A 479 -0.40 30.08 13.18
CA ALA A 479 0.61 29.53 12.24
C ALA A 479 0.01 29.33 10.84
N THR A 480 -1.29 29.05 10.74
CA THR A 480 -2.00 28.75 9.47
C THR A 480 -1.74 29.87 8.46
N PRO A 481 -1.06 29.58 7.33
CA PRO A 481 -0.81 30.61 6.31
C PRO A 481 -2.08 31.23 5.71
N GLN A 482 -2.09 32.56 5.55
CA GLN A 482 -3.23 33.33 4.99
C GLN A 482 -2.87 33.87 3.60
N SER A 483 -3.89 34.14 2.77
CA SER A 483 -3.78 34.61 1.37
C SER A 483 -4.61 35.87 1.19
N LYS A 484 -4.09 36.81 0.39
CA LYS A 484 -4.78 38.06 -0.04
C LYS A 484 -5.29 37.93 -1.49
N ASP A 485 -5.07 36.78 -2.14
CA ASP A 485 -5.65 36.47 -3.47
C ASP A 485 -7.11 36.12 -3.23
N PRO A 486 -8.08 36.90 -3.76
CA PRO A 486 -9.49 36.58 -3.60
C PRO A 486 -9.90 35.34 -4.42
N MET A 487 -9.11 34.98 -5.44
CA MET A 487 -9.33 33.80 -6.32
C MET A 487 -8.69 32.54 -5.71
N SER A 488 -8.09 32.65 -4.52
CA SER A 488 -7.46 31.54 -3.76
C SER A 488 -8.36 31.13 -2.59
N VAL A 489 -8.95 29.93 -2.64
CA VAL A 489 -9.86 29.42 -1.57
C VAL A 489 -9.09 29.34 -0.24
N ASN A 490 -7.81 28.95 -0.30
CA ASN A 490 -6.94 28.73 0.89
C ASN A 490 -7.73 28.09 2.04
N TRP A 491 -8.23 26.87 1.80
CA TRP A 491 -9.21 26.17 2.66
C TRP A 491 -8.65 25.92 4.08
N TRP A 492 -7.33 25.80 4.22
CA TRP A 492 -6.66 25.44 5.49
C TRP A 492 -6.87 26.54 6.55
N GLN A 493 -7.31 27.73 6.12
CA GLN A 493 -7.76 28.82 7.03
C GLN A 493 -8.91 28.34 7.93
N ASN A 494 -9.60 27.25 7.58
CA ASN A 494 -10.75 26.71 8.37
C ASN A 494 -10.27 25.91 9.58
N ARG A 495 -8.96 25.69 9.74
CA ARG A 495 -8.37 24.79 10.75
C ARG A 495 -8.98 25.02 12.13
N PRO A 496 -9.10 26.27 12.64
CA PRO A 496 -9.55 26.47 14.03
C PRO A 496 -10.89 25.80 14.33
N LYS A 497 -11.76 25.72 13.32
CA LYS A 497 -13.05 25.00 13.37
C LYS A 497 -12.78 23.53 13.63
N TYR A 498 -11.75 22.98 12.99
CA TYR A 498 -11.44 21.53 12.99
C TYR A 498 -10.79 21.20 14.33
N VAL A 499 -9.80 21.98 14.74
CA VAL A 499 -9.08 21.79 16.03
C VAL A 499 -10.09 21.91 17.16
N ALA A 500 -10.95 22.94 17.14
CA ALA A 500 -11.99 23.20 18.17
C ALA A 500 -12.89 21.97 18.30
N SER A 501 -13.43 21.50 17.17
CA SER A 501 -14.37 20.36 17.06
C SER A 501 -13.67 19.05 17.50
N TYR A 502 -12.42 18.86 17.09
CA TYR A 502 -11.60 17.70 17.54
C TYR A 502 -11.50 17.71 19.07
N LEU A 503 -11.23 18.88 19.67
CA LEU A 503 -11.00 19.01 21.13
C LEU A 503 -12.34 18.82 21.85
N LYS A 504 -13.44 19.28 21.24
CA LYS A 504 -14.82 19.05 21.76
C LYS A 504 -15.11 17.55 21.75
N ALA A 505 -14.76 16.83 20.68
CA ALA A 505 -15.01 15.37 20.54
C ALA A 505 -14.32 14.58 21.66
N LEU A 506 -13.19 15.08 22.17
CA LEU A 506 -12.46 14.44 23.30
C LEU A 506 -13.02 14.93 24.63
N TYR A 507 -13.16 16.25 24.77
CA TYR A 507 -13.38 16.97 26.05
C TYR A 507 -14.55 17.94 25.91
N PRO A 508 -15.79 17.43 25.75
CA PRO A 508 -16.94 18.26 25.40
C PRO A 508 -17.50 19.05 26.59
N ASP A 509 -17.10 18.66 27.80
CA ASP A 509 -17.39 19.40 29.05
C ASP A 509 -16.60 20.71 29.01
N GLU A 510 -15.32 20.64 28.63
CA GLU A 510 -14.41 21.80 28.65
C GLU A 510 -14.44 22.59 27.33
N GLU A 511 -14.09 23.87 27.41
CA GLU A 511 -13.90 24.82 26.29
C GLU A 511 -12.66 24.39 25.52
N PRO A 512 -12.65 24.44 24.16
CA PRO A 512 -11.49 23.98 23.39
C PRO A 512 -10.17 24.58 23.90
N ALA A 513 -10.12 25.92 23.99
CA ALA A 513 -8.95 26.71 24.45
C ALA A 513 -8.39 26.10 25.74
N ALA A 514 -9.28 25.62 26.62
CA ALA A 514 -8.93 25.02 27.92
C ALA A 514 -8.56 23.54 27.73
N ALA A 515 -9.35 22.79 26.97
CA ALA A 515 -9.11 21.34 26.67
C ALA A 515 -7.73 21.17 26.02
N TYR A 516 -7.31 22.16 25.22
CA TYR A 516 -6.01 22.27 24.50
C TYR A 516 -4.79 22.07 25.44
N ASP A 517 -4.95 22.29 26.75
CA ASP A 517 -3.88 22.15 27.77
C ASP A 517 -3.80 20.70 28.27
N TYR A 518 -4.66 19.79 27.78
CA TYR A 518 -4.72 18.37 28.22
C TYR A 518 -3.74 17.49 27.43
N LEU A 519 -3.80 17.57 26.09
CA LEU A 519 -2.98 16.72 25.18
C LEU A 519 -1.53 17.17 25.22
N PRO A 520 -0.57 16.23 25.07
CA PRO A 520 0.87 16.58 25.13
C PRO A 520 1.39 17.38 23.94
N ARG A 521 2.52 18.08 24.14
CA ARG A 521 3.22 18.89 23.11
C ARG A 521 4.66 18.37 22.94
N ILE A 522 5.24 18.51 21.75
CA ILE A 522 6.65 18.14 21.46
C ILE A 522 7.56 19.38 21.62
N ASP A 523 8.82 19.18 21.97
CA ASP A 523 9.81 20.28 22.14
C ASP A 523 10.05 20.99 20.79
N ALA A 524 9.71 22.29 20.75
CA ALA A 524 9.92 23.19 19.59
C ALA A 524 11.41 23.32 19.27
N GLY A 525 12.28 23.30 20.29
CA GLY A 525 13.74 23.47 20.10
C GLY A 525 14.41 22.15 19.74
N ARG A 526 13.75 21.27 18.99
CA ARG A 526 14.18 19.86 18.77
C ARG A 526 13.79 19.38 17.36
N LYS A 527 14.65 18.57 16.74
CA LYS A 527 14.48 17.96 15.39
C LYS A 527 13.21 17.10 15.39
N LEU A 528 12.30 17.30 14.43
CA LEU A 528 11.00 16.57 14.39
C LEU A 528 11.25 15.07 14.23
N THR A 529 12.29 14.67 13.47
CA THR A 529 12.64 13.24 13.25
C THR A 529 13.02 12.59 14.58
N ASP A 530 13.42 13.36 15.59
CA ASP A 530 13.76 12.87 16.95
C ASP A 530 12.60 12.06 17.56
N TYR A 531 11.37 12.24 17.03
CA TYR A 531 10.13 11.62 17.56
C TYR A 531 9.71 10.43 16.70
N PHE A 532 10.42 10.16 15.60
CA PHE A 532 9.97 9.24 14.52
C PHE A 532 10.60 7.85 14.64
N TRP A 533 9.94 6.90 13.97
CA TRP A 533 10.28 5.46 13.78
C TRP A 533 11.74 5.17 14.16
N LEU A 534 12.68 5.67 13.38
CA LEU A 534 14.09 5.19 13.41
C LEU A 534 14.74 5.59 14.74
N ASN A 535 14.41 6.78 15.25
CA ASN A 535 14.97 7.30 16.53
C ASN A 535 14.31 6.62 17.74
N ILE A 536 13.10 6.07 17.57
CA ILE A 536 12.46 5.27 18.65
C ILE A 536 13.30 4.01 18.89
N PHE A 537 13.86 3.41 17.83
CA PHE A 537 14.77 2.24 17.93
C PHE A 537 16.10 2.65 18.59
N GLU A 538 16.58 3.85 18.29
CA GLU A 538 17.80 4.45 18.87
C GLU A 538 17.61 4.63 20.38
N LYS A 539 16.52 5.31 20.76
CA LYS A 539 16.15 5.60 22.17
C LYS A 539 15.90 4.29 22.92
N MET A 540 15.34 3.27 22.26
CA MET A 540 15.10 1.94 22.88
C MET A 540 16.46 1.32 23.24
N ASP A 541 17.41 1.35 22.30
CA ASP A 541 18.74 0.70 22.41
C ASP A 541 19.63 1.51 23.36
N LYS A 542 19.26 2.77 23.63
CA LYS A 542 19.84 3.63 24.69
C LYS A 542 19.04 3.47 25.99
N GLY A 543 18.09 2.53 26.03
CA GLY A 543 17.26 2.21 27.22
C GLY A 543 16.45 3.40 27.72
N GLU A 544 16.08 4.34 26.85
CA GLU A 544 15.37 5.59 27.25
C GLU A 544 13.85 5.34 27.23
N PHE A 545 13.43 4.08 27.12
CA PHE A 545 12.00 3.64 27.16
C PHE A 545 11.83 2.50 28.16
N LYS A 546 10.87 2.66 29.08
CA LYS A 546 10.43 1.62 30.05
C LYS A 546 9.48 0.65 29.34
N GLY A 547 8.43 1.19 28.72
CA GLY A 547 7.36 0.43 28.04
C GLY A 547 7.31 0.67 26.55
N LEU A 548 7.07 -0.40 25.78
CA LEU A 548 6.67 -0.35 24.35
C LEU A 548 5.33 -1.07 24.18
N PHE A 549 4.37 -0.40 23.52
CA PHE A 549 3.27 -1.07 22.80
C PHE A 549 3.74 -1.37 21.38
N ALA A 550 3.85 -2.64 21.02
CA ALA A 550 3.88 -3.13 19.63
C ALA A 550 2.49 -3.66 19.28
N TRP A 551 1.63 -2.78 18.76
CA TRP A 551 0.19 -3.01 18.52
C TRP A 551 -0.07 -3.22 17.01
N GLY A 552 -0.09 -4.48 16.57
CA GLY A 552 -0.37 -4.86 15.17
C GLY A 552 0.79 -4.52 14.25
N MET A 553 2.00 -4.67 14.79
CA MET A 553 3.28 -4.48 14.05
C MET A 553 4.24 -5.57 14.50
N ASN A 554 5.30 -5.80 13.71
CA ASN A 554 6.29 -6.87 13.97
C ASN A 554 7.70 -6.28 13.81
N PRO A 555 8.08 -5.27 14.64
CA PRO A 555 9.34 -4.57 14.49
C PRO A 555 10.62 -5.44 14.62
N ALA A 556 10.54 -6.61 15.27
CA ALA A 556 11.65 -7.59 15.36
C ALA A 556 12.06 -8.02 13.95
N CYS A 557 11.15 -7.92 12.98
CA CYS A 557 11.39 -8.30 11.55
C CYS A 557 11.33 -7.07 10.63
N GLY A 558 10.38 -6.15 10.88
CA GLY A 558 10.15 -4.95 10.05
C GLY A 558 11.22 -3.90 10.20
N GLY A 559 11.83 -3.79 11.39
CA GLY A 559 12.93 -2.85 11.67
C GLY A 559 14.20 -3.20 10.90
N ALA A 560 14.90 -2.20 10.37
CA ALA A 560 16.24 -2.34 9.79
C ALA A 560 17.23 -2.72 10.89
N ASN A 561 18.24 -3.51 10.54
CA ASN A 561 19.28 -4.00 11.50
C ASN A 561 18.61 -4.73 12.66
N ALA A 562 17.96 -5.86 12.35
CA ALA A 562 17.13 -6.67 13.27
C ALA A 562 17.97 -7.10 14.48
N ASN A 563 19.25 -7.45 14.27
CA ASN A 563 20.18 -7.90 15.34
C ASN A 563 20.24 -6.83 16.45
N LYS A 564 20.29 -5.56 16.07
CA LYS A 564 20.32 -4.42 17.04
C LYS A 564 18.94 -4.25 17.67
N ASN A 565 17.87 -4.36 16.87
CA ASN A 565 16.50 -4.05 17.36
C ASN A 565 16.10 -5.09 18.40
N ARG A 566 16.55 -6.33 18.23
CA ARG A 566 16.19 -7.50 19.09
C ARG A 566 16.94 -7.40 20.42
N LYS A 567 18.27 -7.28 20.37
CA LYS A 567 19.11 -6.89 21.53
C LYS A 567 18.36 -5.77 22.27
N ALA A 568 18.07 -4.65 21.59
CA ALA A 568 17.55 -3.39 22.17
C ALA A 568 16.21 -3.62 22.89
N MET A 569 15.46 -4.66 22.50
CA MET A 569 14.16 -4.98 23.13
C MET A 569 14.38 -5.53 24.54
N GLY A 570 15.56 -6.09 24.81
CA GLY A 570 16.00 -6.47 26.18
C GLY A 570 16.01 -5.29 27.13
N LYS A 571 16.27 -4.08 26.63
CA LYS A 571 16.43 -2.85 27.46
C LYS A 571 15.06 -2.24 27.74
N LEU A 572 13.99 -2.89 27.27
CA LEU A 572 12.59 -2.56 27.65
C LEU A 572 12.31 -3.19 29.01
N GLU A 573 11.46 -2.56 29.81
CA GLU A 573 11.06 -3.04 31.15
C GLU A 573 9.82 -3.91 30.97
N TRP A 574 8.80 -3.37 30.30
CA TRP A 574 7.61 -4.13 29.86
C TRP A 574 7.36 -3.92 28.36
N LEU A 575 6.63 -4.89 27.78
CA LEU A 575 6.24 -4.96 26.34
C LEU A 575 4.79 -5.45 26.28
N VAL A 576 3.96 -4.77 25.50
CA VAL A 576 2.58 -5.20 25.17
C VAL A 576 2.52 -5.46 23.66
N ASN A 577 2.50 -6.74 23.26
CA ASN A 577 2.28 -7.14 21.84
C ASN A 577 0.81 -7.54 21.68
N VAL A 578 0.08 -6.83 20.81
CA VAL A 578 -1.29 -7.19 20.36
C VAL A 578 -1.21 -7.66 18.90
N ASN A 579 -1.57 -8.91 18.62
CA ASN A 579 -1.47 -9.48 17.25
C ASN A 579 -2.34 -10.73 17.16
N LEU A 580 -2.33 -11.39 15.99
CA LEU A 580 -3.21 -12.55 15.67
C LEU A 580 -2.54 -13.85 16.12
N PHE A 581 -1.19 -13.88 16.08
CA PHE A 581 -0.34 -15.05 16.42
C PHE A 581 0.85 -14.60 17.28
N GLU A 582 1.36 -15.49 18.13
CA GLU A 582 2.72 -15.42 18.71
C GLU A 582 3.66 -15.11 17.55
N ASN A 583 4.73 -14.35 17.77
CA ASN A 583 5.55 -13.76 16.69
C ASN A 583 6.94 -13.37 17.20
N GLU A 584 7.83 -12.98 16.28
CA GLU A 584 9.24 -12.64 16.55
C GLU A 584 9.35 -11.40 17.48
N THR A 585 8.30 -10.58 17.61
CA THR A 585 8.28 -9.41 18.53
C THR A 585 7.75 -9.82 19.91
N SER A 586 6.67 -10.60 19.96
CA SER A 586 6.08 -11.13 21.24
C SER A 586 7.11 -12.01 21.96
N SER A 587 8.03 -12.63 21.21
CA SER A 587 8.83 -13.78 21.67
C SER A 587 10.29 -13.60 21.29
N PHE A 588 10.76 -12.35 21.30
CA PHE A 588 12.18 -11.96 21.04
C PHE A 588 13.08 -12.63 22.08
N TRP A 589 12.58 -12.75 23.32
CA TRP A 589 13.32 -13.23 24.52
C TRP A 589 13.80 -14.68 24.35
N LYS A 590 13.17 -15.47 23.49
CA LYS A 590 13.64 -16.83 23.15
C LYS A 590 14.04 -16.88 21.67
N GLY A 591 14.54 -15.75 21.14
CA GLY A 591 14.97 -15.64 19.73
C GLY A 591 16.29 -16.37 19.49
N PRO A 592 16.79 -16.39 18.24
CA PRO A 592 18.12 -16.95 17.94
C PRO A 592 19.20 -16.25 18.77
N GLY A 593 20.17 -17.02 19.29
CA GLY A 593 21.29 -16.55 20.13
C GLY A 593 20.82 -15.68 21.29
N MET A 594 19.63 -15.93 21.83
CA MET A 594 19.09 -15.22 23.02
C MET A 594 19.08 -16.19 24.20
N ASN A 595 19.28 -15.67 25.42
CA ASN A 595 19.06 -16.43 26.68
C ASN A 595 17.96 -15.76 27.49
N PRO A 596 16.76 -16.39 27.59
CA PRO A 596 15.68 -15.87 28.41
C PRO A 596 16.10 -15.40 29.82
N ALA A 597 16.91 -16.20 30.53
CA ALA A 597 17.29 -15.98 31.94
C ALA A 597 17.94 -14.59 32.13
N GLU A 598 18.62 -14.09 31.09
CA GLU A 598 19.40 -12.83 31.12
C GLU A 598 18.52 -11.64 30.74
N ILE A 599 17.32 -11.90 30.19
CA ILE A 599 16.38 -10.89 29.62
C ILE A 599 15.28 -10.62 30.65
N GLY A 600 15.09 -9.36 31.06
CA GLY A 600 14.27 -9.00 32.22
C GLY A 600 12.94 -8.39 31.83
N THR A 601 12.61 -8.42 30.53
CA THR A 601 11.44 -7.73 29.95
C THR A 601 10.17 -8.54 30.25
N GLU A 602 9.22 -7.87 30.91
CA GLU A 602 7.86 -8.39 31.18
C GLU A 602 7.05 -8.23 29.89
N VAL A 603 6.64 -9.34 29.26
CA VAL A 603 5.84 -9.31 28.00
C VAL A 603 4.42 -9.79 28.29
N PHE A 604 3.43 -9.01 27.87
CA PHE A 604 2.02 -9.43 27.70
C PHE A 604 1.76 -9.60 26.19
N PHE A 605 1.33 -10.78 25.77
CA PHE A 605 0.75 -11.03 24.42
C PHE A 605 -0.78 -11.08 24.53
N LEU A 606 -1.47 -10.17 23.83
CA LEU A 606 -2.95 -10.12 23.77
C LEU A 606 -3.43 -10.49 22.37
N PRO A 607 -4.15 -11.62 22.19
CA PRO A 607 -4.61 -12.04 20.87
C PRO A 607 -5.84 -11.26 20.39
N CYS A 608 -5.70 -10.53 19.28
CA CYS A 608 -6.79 -9.78 18.60
C CYS A 608 -7.45 -10.69 17.56
N CYS A 609 -8.71 -10.38 17.24
CA CYS A 609 -9.54 -11.15 16.28
C CYS A 609 -9.18 -10.68 14.87
N VAL A 610 -9.53 -11.48 13.85
CA VAL A 610 -9.17 -11.16 12.44
C VAL A 610 -10.20 -10.17 11.86
N SER A 611 -9.89 -9.59 10.70
CA SER A 611 -10.73 -8.56 10.04
C SER A 611 -12.18 -9.05 9.93
N ILE A 612 -12.38 -10.31 9.51
CA ILE A 612 -13.75 -10.84 9.20
C ILE A 612 -14.52 -11.13 10.49
N GLU A 613 -13.94 -10.92 11.68
CA GLU A 613 -14.59 -11.20 12.99
C GLU A 613 -14.93 -9.89 13.72
N LYS A 614 -14.89 -8.76 13.05
CA LYS A 614 -15.32 -7.47 13.66
C LYS A 614 -15.89 -6.57 12.55
N GLU A 615 -16.63 -5.56 12.99
CA GLU A 615 -17.26 -4.53 12.15
C GLU A 615 -16.37 -3.28 12.22
N GLY A 616 -16.33 -2.50 11.13
CA GLY A 616 -15.63 -1.20 11.08
C GLY A 616 -15.41 -0.73 9.65
N SER A 617 -14.64 0.34 9.48
CA SER A 617 -14.24 0.87 8.14
C SER A 617 -12.74 0.86 8.00
N VAL A 618 -12.28 0.67 6.77
CA VAL A 618 -10.86 0.82 6.33
C VAL A 618 -10.88 1.77 5.14
N ALA A 619 -9.89 2.65 5.07
CA ALA A 619 -9.76 3.68 4.02
C ALA A 619 -8.72 3.14 3.02
N ASN A 620 -9.12 2.95 1.77
CA ASN A 620 -8.21 2.36 0.75
C ASN A 620 -7.34 3.50 0.22
N SER A 621 -6.48 3.20 -0.76
CA SER A 621 -5.49 4.14 -1.34
C SER A 621 -6.22 5.30 -2.01
N GLY A 622 -7.40 5.03 -2.60
CA GLY A 622 -8.25 6.04 -3.28
C GLY A 622 -9.05 6.86 -2.29
N ARG A 623 -8.83 6.64 -0.98
CA ARG A 623 -9.51 7.34 0.12
C ARG A 623 -10.93 6.80 0.27
N TRP A 624 -11.28 5.72 -0.45
CA TRP A 624 -12.60 5.06 -0.26
C TRP A 624 -12.66 4.53 1.16
N MET A 625 -13.57 5.07 1.96
CA MET A 625 -13.81 4.64 3.35
C MET A 625 -14.94 3.59 3.34
N GLN A 626 -14.57 2.32 3.51
CA GLN A 626 -15.44 1.15 3.25
C GLN A 626 -15.82 0.49 4.57
N TRP A 627 -17.12 0.30 4.78
CA TRP A 627 -17.67 -0.38 5.98
C TRP A 627 -17.66 -1.89 5.72
N ARG A 628 -17.25 -2.68 6.72
CA ARG A 628 -17.33 -4.16 6.66
C ARG A 628 -17.89 -4.71 7.98
N TYR A 629 -18.49 -5.91 7.89
CA TYR A 629 -19.30 -6.53 8.95
C TYR A 629 -18.57 -7.75 9.51
N ARG A 630 -18.98 -8.18 10.70
CA ARG A 630 -18.55 -9.47 11.28
C ARG A 630 -19.21 -10.60 10.50
N GLY A 631 -18.43 -11.64 10.20
CA GLY A 631 -18.92 -12.97 9.80
C GLY A 631 -19.03 -13.84 11.04
N PRO A 632 -18.01 -14.65 11.37
CA PRO A 632 -17.99 -15.38 12.63
C PRO A 632 -17.69 -14.49 13.84
N LYS A 633 -18.20 -14.91 15.01
CA LYS A 633 -17.78 -14.38 16.33
C LYS A 633 -16.26 -14.49 16.41
N PRO A 634 -15.58 -13.61 17.18
CA PRO A 634 -14.14 -13.75 17.41
C PRO A 634 -13.75 -15.18 17.80
N TYR A 635 -12.74 -15.75 17.15
CA TYR A 635 -12.15 -17.05 17.51
C TYR A 635 -11.75 -17.04 19.00
N ALA A 636 -11.92 -18.19 19.67
CA ALA A 636 -11.44 -18.46 21.05
C ALA A 636 -11.78 -17.29 21.98
N GLU A 637 -10.82 -16.79 22.77
CA GLU A 637 -10.98 -15.60 23.67
C GLU A 637 -10.36 -14.34 23.05
N THR A 638 -10.12 -14.31 21.73
CA THR A 638 -9.60 -13.14 21.01
C THR A 638 -10.66 -12.03 21.02
N LYS A 639 -10.21 -10.79 21.14
CA LYS A 639 -11.07 -9.59 21.23
C LYS A 639 -10.79 -8.69 20.03
N PRO A 640 -11.75 -7.87 19.57
CA PRO A 640 -11.45 -6.76 18.69
C PRO A 640 -10.49 -5.79 19.40
N ASP A 641 -9.53 -5.20 18.67
CA ASP A 641 -8.59 -4.19 19.23
C ASP A 641 -9.35 -3.09 19.98
N GLY A 642 -10.42 -2.58 19.37
CA GLY A 642 -11.31 -1.58 19.99
C GLY A 642 -11.65 -1.94 21.43
N ASP A 643 -11.88 -3.21 21.73
CA ASP A 643 -12.29 -3.69 23.07
C ASP A 643 -11.06 -3.77 23.97
N ILE A 644 -9.94 -4.28 23.45
CA ILE A 644 -8.67 -4.45 24.19
C ILE A 644 -8.21 -3.07 24.68
N MET A 645 -8.18 -2.07 23.80
CA MET A 645 -7.63 -0.71 24.10
C MET A 645 -8.62 0.03 25.01
N LEU A 646 -9.92 -0.21 24.86
CA LEU A 646 -10.97 0.50 25.64
C LEU A 646 -11.00 -0.06 27.07
N ASP A 647 -10.85 -1.37 27.19
CA ASP A 647 -10.86 -2.10 28.48
C ASP A 647 -9.61 -1.70 29.25
N MET A 648 -8.48 -1.69 28.55
CA MET A 648 -7.15 -1.34 29.11
C MET A 648 -7.18 0.10 29.65
N PHE A 649 -7.71 1.04 28.87
CA PHE A 649 -7.90 2.47 29.26
C PHE A 649 -8.85 2.57 30.45
N LYS A 650 -9.89 1.73 30.48
CA LYS A 650 -10.91 1.70 31.57
C LYS A 650 -10.25 1.36 32.91
N LYS A 651 -9.23 0.49 32.88
CA LYS A 651 -8.48 0.09 34.09
C LYS A 651 -7.60 1.26 34.52
N VAL A 652 -6.76 1.78 33.62
CA VAL A 652 -5.90 2.98 33.83
C VAL A 652 -6.75 4.05 34.52
N ARG A 653 -7.93 4.33 33.96
CA ARG A 653 -8.89 5.36 34.44
C ARG A 653 -9.29 5.09 35.90
N GLU A 654 -9.90 3.93 36.19
CA GLU A 654 -10.42 3.60 37.55
C GLU A 654 -9.26 3.58 38.55
N LEU A 655 -8.05 3.19 38.10
CA LEU A 655 -6.79 3.19 38.89
C LEU A 655 -6.43 4.63 39.31
N TYR A 656 -6.47 5.57 38.38
CA TYR A 656 -6.16 7.02 38.61
C TYR A 656 -7.27 7.62 39.47
N ALA A 657 -8.48 7.12 39.30
CA ALA A 657 -9.70 7.60 40.01
C ALA A 657 -9.62 7.22 41.49
N LYS A 658 -8.87 6.17 41.84
CA LYS A 658 -8.84 5.63 43.23
C LYS A 658 -7.46 5.83 43.87
N GLU A 659 -6.37 5.94 43.10
CA GLU A 659 -4.99 6.15 43.63
C GLU A 659 -4.54 7.62 43.47
N GLY A 660 -5.17 8.39 42.59
CA GLY A 660 -4.62 9.66 42.07
C GLY A 660 -3.36 9.41 41.25
N GLY A 661 -2.55 10.46 41.03
CA GLY A 661 -1.24 10.38 40.32
C GLY A 661 -1.10 11.51 39.32
N ALA A 662 0.00 11.53 38.57
CA ALA A 662 0.36 12.61 37.61
C ALA A 662 -0.88 13.03 36.80
N TYR A 663 -1.11 14.36 36.73
CA TYR A 663 -2.10 15.09 35.90
C TYR A 663 -3.19 14.15 35.38
N PRO A 664 -4.21 13.82 36.20
CA PRO A 664 -5.27 12.90 35.79
C PRO A 664 -6.34 13.45 34.83
N ALA A 665 -6.50 14.78 34.75
CA ALA A 665 -7.61 15.46 34.01
C ALA A 665 -7.75 14.92 32.58
N PRO A 666 -6.66 14.82 31.77
CA PRO A 666 -6.79 14.37 30.37
C PRO A 666 -7.32 12.93 30.23
N ILE A 667 -7.00 12.06 31.20
CA ILE A 667 -7.52 10.66 31.27
C ILE A 667 -8.95 10.69 31.80
N ALA A 668 -9.14 11.29 32.98
CA ALA A 668 -10.43 11.39 33.71
C ALA A 668 -11.49 11.95 32.76
N LYS A 669 -11.20 13.06 32.08
CA LYS A 669 -12.19 13.90 31.36
C LYS A 669 -12.46 13.35 29.95
N LEU A 670 -11.67 12.40 29.47
CA LEU A 670 -11.79 11.83 28.09
C LEU A 670 -13.17 11.19 27.89
N ASN A 671 -13.95 11.75 26.95
CA ASN A 671 -15.28 11.23 26.54
C ASN A 671 -15.10 9.88 25.85
N ILE A 672 -15.39 8.78 26.57
CA ILE A 672 -15.32 7.37 26.06
C ILE A 672 -16.70 6.72 26.03
N ALA A 673 -17.71 7.32 26.68
CA ALA A 673 -19.09 6.80 26.67
C ALA A 673 -19.64 6.87 25.24
N ASP A 674 -19.09 7.77 24.41
CA ASP A 674 -19.46 7.92 22.98
C ASP A 674 -18.85 6.79 22.15
N TRP A 675 -17.94 5.99 22.73
CA TRP A 675 -17.18 4.92 22.03
C TRP A 675 -17.79 3.54 22.29
N GLU A 676 -18.84 3.42 23.11
CA GLU A 676 -19.37 2.08 23.48
C GLU A 676 -20.89 2.06 23.57
N GLU A 677 -21.44 0.90 23.19
CA GLU A 677 -22.80 0.39 23.53
C GLU A 677 -22.61 -0.89 24.35
N HIS A 678 -23.63 -1.28 25.13
CA HIS A 678 -23.73 -2.59 25.82
C HIS A 678 -22.35 -3.02 26.34
N ASN A 679 -21.71 -2.15 27.13
CA ASN A 679 -20.46 -2.44 27.90
C ASN A 679 -19.21 -2.42 27.02
N GLU A 680 -19.34 -2.46 25.68
CA GLU A 680 -18.21 -2.76 24.77
C GLU A 680 -18.08 -1.73 23.63
N PHE A 681 -16.92 -1.75 22.97
CA PHE A 681 -16.54 -0.85 21.85
C PHE A 681 -17.57 -0.93 20.72
N SER A 682 -18.14 0.22 20.32
CA SER A 682 -19.18 0.35 19.27
C SER A 682 -18.63 1.07 18.04
N PRO A 683 -18.15 0.34 17.00
CA PRO A 683 -17.59 0.95 15.80
C PRO A 683 -18.52 2.01 15.21
N THR A 684 -19.83 1.76 15.26
CA THR A 684 -20.88 2.65 14.70
C THR A 684 -20.79 4.02 15.41
N LYS A 685 -20.72 4.01 16.74
CA LYS A 685 -20.79 5.25 17.56
C LYS A 685 -19.48 6.03 17.37
N VAL A 686 -18.35 5.34 17.42
CA VAL A 686 -17.01 5.97 17.21
C VAL A 686 -17.00 6.63 15.84
N ALA A 687 -17.50 5.93 14.82
CA ALA A 687 -17.63 6.41 13.43
C ALA A 687 -18.45 7.71 13.42
N LYS A 688 -19.53 7.74 14.19
CA LYS A 688 -20.48 8.89 14.20
C LYS A 688 -19.80 10.08 14.89
N LEU A 689 -19.11 9.85 16.00
CA LEU A 689 -18.36 10.90 16.73
C LEU A 689 -17.28 11.45 15.80
N MET A 690 -16.59 10.58 15.06
CA MET A 690 -15.56 10.99 14.08
C MET A 690 -16.23 11.88 13.03
N ASN A 691 -17.42 11.54 12.55
CA ASN A 691 -18.19 12.44 11.63
C ASN A 691 -18.48 13.73 12.38
N GLY A 692 -19.06 13.62 13.58
CA GLY A 692 -19.34 14.74 14.49
C GLY A 692 -20.80 15.13 14.46
N TYR A 693 -21.28 15.77 15.54
CA TYR A 693 -22.68 16.22 15.72
C TYR A 693 -22.67 17.59 16.41
N PHE A 694 -23.79 18.31 16.31
CA PHE A 694 -23.98 19.62 16.99
C PHE A 694 -24.26 19.37 18.47
N LEU A 695 -23.55 20.05 19.37
CA LEU A 695 -23.73 19.95 20.85
C LEU A 695 -24.88 20.88 21.30
N LYS A 696 -25.33 21.77 20.43
CA LYS A 696 -26.45 22.72 20.69
C LYS A 696 -27.03 23.15 19.35
N ASP A 697 -28.25 23.71 19.37
CA ASP A 697 -28.93 24.25 18.15
C ASP A 697 -28.01 25.33 17.59
N THR A 698 -27.64 25.26 16.31
CA THR A 698 -26.69 26.23 15.68
C THR A 698 -27.21 26.61 14.29
N GLU A 699 -27.18 27.92 14.00
CA GLU A 699 -27.20 28.44 12.61
C GLU A 699 -25.75 28.56 12.14
N VAL A 700 -25.47 28.06 10.94
CA VAL A 700 -24.10 27.95 10.39
C VAL A 700 -24.25 27.54 8.91
N GLY A 701 -23.42 28.12 8.03
CA GLY A 701 -23.54 28.02 6.58
C GLY A 701 -24.74 28.78 6.04
N GLY A 702 -25.57 29.32 6.92
CA GLY A 702 -26.89 29.90 6.60
C GLY A 702 -27.99 28.87 6.68
N LYS A 703 -27.80 27.82 7.49
CA LYS A 703 -28.79 26.72 7.71
C LYS A 703 -28.99 26.54 9.22
N GLN A 704 -30.20 26.15 9.62
CA GLN A 704 -30.58 25.85 11.03
C GLN A 704 -30.23 24.39 11.31
N PHE A 705 -29.63 24.10 12.48
CA PHE A 705 -29.31 22.72 12.93
C PHE A 705 -29.74 22.57 14.39
N LYS A 706 -30.41 21.46 14.72
CA LYS A 706 -30.85 21.10 16.08
C LYS A 706 -29.71 20.36 16.78
N LYS A 707 -29.50 20.63 18.08
CA LYS A 707 -28.62 19.84 18.97
C LYS A 707 -28.73 18.37 18.59
N GLY A 708 -27.60 17.68 18.40
CA GLY A 708 -27.54 16.21 18.24
C GLY A 708 -27.64 15.76 16.78
N GLN A 709 -28.14 16.63 15.89
CA GLN A 709 -27.99 16.48 14.42
C GLN A 709 -26.55 16.02 14.14
N GLN A 710 -26.38 15.02 13.27
CA GLN A 710 -25.04 14.67 12.73
C GLN A 710 -24.62 15.82 11.81
N VAL A 711 -23.35 16.21 11.85
CA VAL A 711 -22.79 17.31 11.00
C VAL A 711 -22.78 16.84 9.54
N PRO A 712 -23.41 17.58 8.60
CA PRO A 712 -23.52 17.13 7.22
C PRO A 712 -22.18 17.05 6.46
N SER A 713 -21.29 17.98 6.76
CA SER A 713 -19.96 18.13 6.09
C SER A 713 -19.08 19.06 6.92
N PHE A 714 -17.78 19.10 6.64
CA PHE A 714 -16.81 19.95 7.36
C PHE A 714 -17.09 21.42 7.08
N ALA A 715 -17.79 21.72 5.99
CA ALA A 715 -18.31 23.08 5.67
C ALA A 715 -19.14 23.60 6.86
N PHE A 716 -19.70 22.73 7.71
CA PHE A 716 -20.70 23.11 8.74
C PHE A 716 -20.16 22.87 10.16
N LEU A 717 -18.85 22.63 10.31
CA LEU A 717 -18.17 22.62 11.64
C LEU A 717 -17.89 24.07 12.07
N THR A 718 -17.73 24.29 13.38
CA THR A 718 -17.52 25.63 13.99
C THR A 718 -16.32 25.63 14.94
N ALA A 719 -15.75 26.82 15.12
CA ALA A 719 -14.60 27.08 16.02
C ALA A 719 -15.08 27.40 17.44
N ASP A 720 -16.38 27.60 17.67
CA ASP A 720 -16.92 28.19 18.93
C ASP A 720 -17.53 27.13 19.85
N GLY A 721 -17.23 25.84 19.66
CA GLY A 721 -17.71 24.73 20.52
C GLY A 721 -19.11 24.26 20.20
N SER A 722 -19.78 24.83 19.18
CA SER A 722 -21.12 24.36 18.72
C SER A 722 -21.04 22.89 18.27
N THR A 723 -19.94 22.53 17.60
CA THR A 723 -19.76 21.24 16.88
C THR A 723 -18.59 20.47 17.51
N CYS A 724 -18.74 19.14 17.61
CA CYS A 724 -17.62 18.16 17.73
C CYS A 724 -17.41 17.48 16.37
N SER A 725 -16.26 16.86 16.19
CA SER A 725 -15.88 16.01 15.03
C SER A 725 -14.48 15.44 15.28
N GLY A 726 -14.39 14.14 15.56
CA GLY A 726 -13.13 13.43 15.84
C GLY A 726 -12.13 13.62 14.71
N ASN A 727 -12.60 13.77 13.48
CA ASN A 727 -11.73 13.96 12.30
C ASN A 727 -12.53 14.66 11.22
N TRP A 728 -12.15 15.90 10.90
CA TRP A 728 -12.93 16.79 10.00
C TRP A 728 -13.05 16.18 8.60
N LEU A 729 -12.14 15.27 8.23
CA LEU A 729 -12.19 14.57 6.92
C LEU A 729 -13.38 13.60 6.87
N HIS A 730 -13.78 13.08 8.04
CA HIS A 730 -14.92 12.13 8.21
C HIS A 730 -16.26 12.89 8.25
N ALA A 731 -16.27 14.21 8.36
CA ALA A 731 -17.49 15.03 8.33
C ALA A 731 -18.08 14.96 6.91
N GLY A 732 -19.23 14.30 6.76
CA GLY A 732 -19.80 13.91 5.46
C GLY A 732 -19.95 12.41 5.33
N SER A 733 -19.27 11.63 6.20
CA SER A 733 -19.15 10.15 6.08
C SER A 733 -20.32 9.43 6.77
N PHE A 734 -20.76 9.90 7.93
CA PHE A 734 -21.90 9.35 8.69
C PHE A 734 -22.83 10.51 9.11
N THR A 735 -23.71 10.92 8.19
CA THR A 735 -24.66 12.04 8.38
C THR A 735 -26.00 11.49 8.91
N ASP A 736 -27.00 12.36 9.09
CA ASP A 736 -28.40 12.00 9.41
C ASP A 736 -28.95 11.05 8.33
N ALA A 737 -28.43 11.14 7.10
CA ALA A 737 -28.78 10.25 5.97
C ALA A 737 -28.38 8.81 6.29
N GLY A 738 -27.41 8.62 7.19
CA GLY A 738 -26.92 7.31 7.64
C GLY A 738 -25.45 7.13 7.32
N ASN A 739 -24.92 5.92 7.50
CA ASN A 739 -23.50 5.56 7.28
C ASN A 739 -23.21 5.51 5.77
N LEU A 740 -22.64 6.57 5.18
CA LEU A 740 -22.35 6.64 3.72
C LEU A 740 -21.25 5.63 3.33
N MET A 741 -20.42 5.20 4.29
CA MET A 741 -19.29 4.25 4.07
C MET A 741 -19.86 2.85 3.80
N ALA A 742 -21.09 2.60 4.28
CA ALA A 742 -21.83 1.32 4.15
C ALA A 742 -22.66 1.26 2.85
N ARG A 743 -22.66 2.30 2.02
CA ARG A 743 -23.40 2.27 0.73
C ARG A 743 -22.76 1.23 -0.18
N ARG A 744 -23.60 0.46 -0.87
CA ARG A 744 -23.18 -0.63 -1.78
C ARG A 744 -24.03 -0.47 -3.05
N ASP A 745 -24.09 0.78 -3.52
CA ASP A 745 -24.99 1.24 -4.59
C ASP A 745 -24.11 1.65 -5.79
N LYS A 746 -24.38 1.04 -6.95
CA LYS A 746 -23.59 1.20 -8.20
C LYS A 746 -24.30 2.16 -9.17
N THR A 747 -25.34 2.87 -8.72
CA THR A 747 -26.04 3.89 -9.55
C THR A 747 -24.99 4.87 -10.07
N GLN A 748 -24.98 5.12 -11.38
CA GLN A 748 -24.08 6.09 -12.04
C GLN A 748 -24.82 6.80 -13.17
N THR A 749 -24.63 8.11 -13.30
CA THR A 749 -24.97 8.89 -14.50
C THR A 749 -24.08 8.40 -15.63
N PRO A 750 -24.43 8.60 -16.92
CA PRO A 750 -23.57 8.18 -18.01
C PRO A 750 -22.12 8.69 -17.86
N GLU A 751 -21.98 9.95 -17.46
CA GLU A 751 -20.68 10.67 -17.39
C GLU A 751 -19.84 10.08 -16.27
N GLN A 752 -20.47 9.64 -15.17
CA GLN A 752 -19.76 9.01 -14.02
C GLN A 752 -19.26 7.62 -14.43
N ALA A 753 -20.15 6.80 -14.99
CA ALA A 753 -19.90 5.39 -15.38
C ALA A 753 -18.82 5.34 -16.47
N ARG A 754 -18.72 6.37 -17.30
CA ARG A 754 -17.76 6.40 -18.43
C ARG A 754 -16.33 6.33 -17.90
N ILE A 755 -16.08 6.91 -16.71
CA ILE A 755 -14.72 6.98 -16.09
C ILE A 755 -14.66 6.14 -14.81
N GLY A 756 -15.79 5.64 -14.30
CA GLY A 756 -15.87 4.68 -13.17
C GLY A 756 -15.75 5.33 -11.80
N LEU A 757 -16.50 6.40 -11.53
CA LEU A 757 -16.44 7.18 -10.26
C LEU A 757 -17.10 6.39 -9.11
N PHE A 758 -18.19 5.68 -9.38
CA PHE A 758 -19.02 4.95 -8.38
C PHE A 758 -19.28 5.82 -7.15
N PRO A 759 -19.84 7.04 -7.31
CA PRO A 759 -20.02 7.96 -6.18
C PRO A 759 -20.89 7.42 -5.04
N ASN A 760 -21.77 6.45 -5.34
CA ASN A 760 -22.72 5.86 -4.36
C ASN A 760 -22.17 4.56 -3.78
N TRP A 761 -20.99 4.11 -4.20
CA TRP A 761 -20.31 2.97 -3.55
C TRP A 761 -19.41 3.49 -2.43
N SER A 762 -19.81 3.27 -1.18
CA SER A 762 -19.14 3.78 0.03
C SER A 762 -19.01 5.30 -0.10
N PHE A 763 -18.01 5.89 0.53
CA PHE A 763 -17.74 7.35 0.59
C PHE A 763 -16.22 7.50 0.70
N CYS A 764 -15.63 8.45 -0.03
CA CYS A 764 -14.22 8.88 0.11
C CYS A 764 -14.19 10.30 0.67
N TRP A 765 -13.15 10.63 1.45
CA TRP A 765 -12.79 12.04 1.77
C TRP A 765 -12.01 12.65 0.59
N PRO A 766 -12.03 13.99 0.42
CA PRO A 766 -12.94 14.86 1.17
C PRO A 766 -14.30 14.95 0.49
N VAL A 767 -15.37 14.78 1.27
CA VAL A 767 -16.80 14.94 0.86
C VAL A 767 -17.05 14.28 -0.50
N ASN A 768 -16.55 13.06 -0.66
CA ASN A 768 -16.87 12.15 -1.80
C ASN A 768 -16.33 12.70 -3.13
N ARG A 769 -15.28 13.51 -3.08
CA ARG A 769 -14.46 13.89 -4.26
C ARG A 769 -13.49 12.75 -4.58
N ARG A 770 -13.75 12.00 -5.65
CA ARG A 770 -13.04 10.74 -6.01
C ARG A 770 -11.74 11.05 -6.75
N ILE A 771 -11.71 12.14 -7.51
CA ILE A 771 -10.49 12.62 -8.23
C ILE A 771 -10.19 14.03 -7.72
N LEU A 772 -9.14 14.19 -6.92
CA LEU A 772 -8.78 15.52 -6.34
C LEU A 772 -8.33 16.46 -7.46
N TYR A 773 -8.54 17.77 -7.26
CA TYR A 773 -8.02 18.87 -8.12
C TYR A 773 -8.76 18.86 -9.47
N ASN A 774 -9.99 18.34 -9.49
CA ASN A 774 -10.81 18.11 -10.70
C ASN A 774 -11.21 19.45 -11.37
N ARG A 775 -11.06 20.58 -10.67
CA ARG A 775 -11.31 21.93 -11.23
C ARG A 775 -10.26 22.23 -12.31
N ALA A 776 -9.13 21.53 -12.29
CA ALA A 776 -8.07 21.66 -13.31
C ALA A 776 -8.46 20.91 -14.58
N SER A 777 -9.50 20.07 -14.53
CA SER A 777 -9.92 19.21 -15.67
C SER A 777 -10.79 19.99 -16.65
N VAL A 778 -11.25 21.18 -16.26
CA VAL A 778 -12.10 22.04 -17.14
C VAL A 778 -11.41 23.38 -17.37
N ASP A 779 -11.82 24.11 -18.43
CA ASP A 779 -11.37 25.50 -18.71
C ASP A 779 -12.15 26.46 -17.80
N LYS A 780 -11.98 27.78 -18.02
CA LYS A 780 -12.54 28.85 -17.17
C LYS A 780 -14.02 29.11 -17.54
N THR A 781 -14.57 28.36 -18.52
CA THR A 781 -16.04 28.32 -18.84
C THR A 781 -16.68 27.10 -18.18
N GLY A 782 -15.90 26.17 -17.62
CA GLY A 782 -16.41 24.94 -16.98
C GLY A 782 -16.59 23.81 -17.97
N LYS A 783 -15.97 23.91 -19.15
CA LYS A 783 -15.96 22.84 -20.18
C LYS A 783 -14.73 21.96 -19.97
N PRO A 784 -14.89 20.61 -19.94
CA PRO A 784 -13.74 19.69 -19.83
C PRO A 784 -12.73 19.85 -20.96
N TRP A 785 -11.43 19.82 -20.64
CA TRP A 785 -10.33 19.71 -21.63
C TRP A 785 -10.57 18.47 -22.52
N ASN A 786 -11.10 17.39 -21.94
CA ASN A 786 -11.45 16.15 -22.66
C ASN A 786 -12.89 15.71 -22.36
N PRO A 787 -13.88 16.18 -23.14
CA PRO A 787 -15.28 15.86 -22.87
C PRO A 787 -15.59 14.36 -22.87
N ALA A 788 -14.76 13.56 -23.54
CA ALA A 788 -14.94 12.10 -23.70
C ALA A 788 -14.70 11.38 -22.37
N LYS A 789 -13.92 11.97 -21.46
CA LYS A 789 -13.61 11.42 -20.11
C LYS A 789 -13.83 12.49 -19.04
N ALA A 790 -14.84 13.34 -19.21
CA ALA A 790 -15.16 14.44 -18.27
C ALA A 790 -15.18 13.87 -16.86
N VAL A 791 -14.63 14.63 -15.90
CA VAL A 791 -14.71 14.35 -14.43
C VAL A 791 -15.84 15.21 -13.86
N ILE A 792 -15.78 16.51 -14.17
CA ILE A 792 -16.83 17.51 -13.85
C ILE A 792 -17.11 18.38 -15.08
N GLU A 793 -18.18 19.16 -14.98
CA GLU A 793 -18.75 19.95 -16.07
C GLU A 793 -19.78 20.91 -15.48
N TRP A 794 -19.71 22.16 -15.94
CA TRP A 794 -20.68 23.24 -15.66
C TRP A 794 -21.88 23.03 -16.58
N LYS A 795 -23.05 22.70 -16.02
CA LYS A 795 -24.31 22.46 -16.77
C LYS A 795 -25.47 22.90 -15.88
N ASP A 796 -26.36 23.74 -16.41
CA ASP A 796 -27.58 24.24 -15.70
C ASP A 796 -27.10 25.01 -14.47
N GLY A 797 -26.02 25.78 -14.60
CA GLY A 797 -25.46 26.61 -13.52
C GLY A 797 -25.13 25.81 -12.27
N LYS A 798 -24.56 24.60 -12.43
CA LYS A 798 -23.92 23.83 -11.32
C LYS A 798 -22.92 22.82 -11.92
N TRP A 799 -22.10 22.22 -11.04
CA TRP A 799 -21.09 21.20 -11.40
C TRP A 799 -21.76 19.82 -11.42
N VAL A 800 -21.62 19.07 -12.52
CA VAL A 800 -22.15 17.68 -12.71
C VAL A 800 -20.98 16.69 -12.77
N GLY A 801 -21.18 15.44 -12.36
CA GLY A 801 -20.19 14.35 -12.48
C GLY A 801 -19.59 14.01 -11.12
N ASP A 802 -18.30 14.25 -10.93
CA ASP A 802 -17.63 14.10 -9.61
C ASP A 802 -18.11 15.24 -8.70
N VAL A 803 -17.88 15.15 -7.39
CA VAL A 803 -18.07 16.30 -6.47
C VAL A 803 -16.94 17.30 -6.74
N VAL A 804 -17.26 18.51 -7.17
CA VAL A 804 -16.26 19.57 -7.50
C VAL A 804 -15.33 19.78 -6.30
N ASP A 805 -14.01 19.75 -6.52
CA ASP A 805 -12.97 20.00 -5.48
C ASP A 805 -12.83 21.51 -5.29
N GLY A 806 -13.78 22.11 -4.56
CA GLY A 806 -13.83 23.56 -4.29
C GLY A 806 -15.04 24.22 -4.96
N GLY A 807 -15.98 24.75 -4.18
CA GLY A 807 -17.17 25.48 -4.67
C GLY A 807 -16.80 26.72 -5.47
N GLY A 808 -17.70 27.19 -6.33
CA GLY A 808 -17.53 28.47 -7.06
C GLY A 808 -17.70 28.30 -8.55
N ASP A 809 -18.15 29.35 -9.22
CA ASP A 809 -18.44 29.32 -10.68
C ASP A 809 -17.14 29.14 -11.46
N PRO A 810 -17.22 28.58 -12.68
CA PRO A 810 -16.04 28.47 -13.53
C PRO A 810 -15.29 29.80 -13.64
N GLY A 811 -13.96 29.73 -13.73
CA GLY A 811 -13.05 30.88 -13.92
C GLY A 811 -13.11 31.90 -12.79
N THR A 812 -13.49 31.50 -11.56
CA THR A 812 -13.55 32.45 -10.40
C THR A 812 -12.64 32.02 -9.24
N LYS A 813 -12.11 30.80 -9.24
CA LYS A 813 -11.20 30.31 -8.16
C LYS A 813 -10.05 29.54 -8.81
N HIS A 814 -8.83 29.72 -8.29
CA HIS A 814 -7.65 28.87 -8.61
C HIS A 814 -7.99 27.43 -8.23
N PRO A 815 -7.54 26.42 -9.01
CA PRO A 815 -8.02 25.04 -8.82
C PRO A 815 -7.47 24.23 -7.62
N PHE A 816 -6.33 24.62 -7.06
CA PHE A 816 -5.64 23.84 -5.99
C PHE A 816 -5.94 24.50 -4.64
N ILE A 817 -7.08 24.14 -4.05
CA ILE A 817 -7.81 24.97 -3.05
C ILE A 817 -7.11 24.90 -1.69
N MET A 818 -6.25 23.88 -1.47
CA MET A 818 -5.49 23.67 -0.19
C MET A 818 -4.13 24.37 -0.29
N GLN A 819 -3.70 24.75 -1.50
CA GLN A 819 -2.51 25.59 -1.74
C GLN A 819 -2.83 27.03 -1.33
N THR A 820 -1.91 27.70 -0.62
CA THR A 820 -2.09 29.09 -0.13
C THR A 820 -2.34 29.99 -1.33
N HIS A 821 -1.55 29.83 -2.40
CA HIS A 821 -1.60 30.64 -3.65
C HIS A 821 -2.66 30.06 -4.61
N GLY A 822 -2.96 28.76 -4.49
CA GLY A 822 -4.06 28.06 -5.18
C GLY A 822 -3.63 27.39 -6.47
N PHE A 823 -2.32 27.31 -6.70
CA PHE A 823 -1.70 26.81 -7.97
C PHE A 823 -0.95 25.50 -7.72
N GLY A 824 -0.89 24.65 -8.75
CA GLY A 824 -0.01 23.48 -8.77
C GLY A 824 1.43 23.95 -8.85
N ALA A 825 2.26 23.60 -7.86
CA ALA A 825 3.64 24.11 -7.69
C ALA A 825 4.63 23.32 -8.56
N LEU A 826 5.15 23.94 -9.62
CA LEU A 826 6.37 23.46 -10.32
C LEU A 826 7.58 23.80 -9.44
N TYR A 827 7.60 25.05 -8.95
CA TYR A 827 8.59 25.62 -8.01
C TYR A 827 8.00 25.52 -6.60
N GLY A 828 8.63 24.76 -5.71
CA GLY A 828 8.09 24.43 -4.38
C GLY A 828 9.08 24.78 -3.27
N PRO A 829 9.16 26.06 -2.85
CA PRO A 829 10.24 26.51 -1.99
C PRO A 829 10.03 26.16 -0.50
N GLY A 830 9.10 25.25 -0.18
CA GLY A 830 8.95 24.66 1.16
C GLY A 830 9.86 23.46 1.37
N ARG A 831 10.54 22.98 0.31
CA ARG A 831 11.30 21.70 0.32
C ARG A 831 12.72 21.94 0.85
N GLU A 832 13.17 21.10 1.79
CA GLU A 832 14.49 21.18 2.48
C GLU A 832 15.62 21.22 1.45
N GLU A 833 15.50 20.49 0.34
CA GLU A 833 16.60 20.25 -0.63
C GLU A 833 16.54 21.26 -1.79
N GLY A 834 15.59 22.20 -1.77
CA GLY A 834 15.45 23.21 -2.84
C GLY A 834 14.12 23.15 -3.57
N PRO A 835 13.72 24.28 -4.21
CA PRO A 835 12.40 24.39 -4.83
C PRO A 835 12.24 23.55 -6.10
N PHE A 836 13.35 23.12 -6.73
CA PHE A 836 13.40 22.21 -7.89
C PHE A 836 14.17 20.95 -7.50
N PRO A 837 13.65 19.74 -7.84
CA PRO A 837 14.42 18.52 -7.69
C PRO A 837 15.74 18.56 -8.47
N GLU A 838 16.82 18.08 -7.86
CA GLU A 838 18.19 18.08 -8.44
C GLU A 838 18.82 16.74 -8.09
N HIS A 839 19.58 16.16 -9.00
CA HIS A 839 20.20 14.83 -8.79
C HIS A 839 21.32 14.96 -7.76
N TYR A 840 21.16 14.27 -6.64
CA TYR A 840 22.23 13.95 -5.66
C TYR A 840 22.28 12.44 -5.50
N GLU A 841 23.47 11.87 -5.67
CA GLU A 841 23.72 10.41 -5.78
C GLU A 841 23.23 9.72 -4.51
N PRO A 842 22.18 8.85 -4.60
CA PRO A 842 21.72 8.08 -3.45
C PRO A 842 22.62 6.88 -3.10
N LEU A 843 23.35 6.34 -4.08
CA LEU A 843 24.32 5.23 -3.87
C LEU A 843 25.66 5.84 -3.43
N GLU A 844 26.02 5.69 -2.16
CA GLU A 844 27.29 6.21 -1.59
C GLU A 844 28.47 5.45 -2.21
N CYS A 845 28.44 4.12 -2.13
CA CYS A 845 29.62 3.23 -2.26
C CYS A 845 30.13 3.18 -3.70
N PRO A 846 29.35 2.74 -4.71
CA PRO A 846 29.92 2.46 -6.02
C PRO A 846 30.04 3.66 -6.98
N VAL A 847 29.59 4.85 -6.56
CA VAL A 847 29.51 6.07 -7.42
C VAL A 847 30.32 7.20 -6.76
N SER A 848 31.19 7.85 -7.55
CA SER A 848 32.03 9.00 -7.16
C SER A 848 31.82 10.19 -8.12
N LYS A 849 31.16 9.99 -9.27
CA LYS A 849 30.93 11.04 -10.31
C LYS A 849 29.45 11.38 -10.37
N ASN A 850 29.14 12.68 -10.27
CA ASN A 850 27.85 13.29 -10.61
C ASN A 850 28.00 14.10 -11.89
N PRO A 851 27.39 13.68 -13.02
CA PRO A 851 27.49 14.45 -14.27
C PRO A 851 26.63 15.71 -14.38
N PHE A 852 26.00 16.16 -13.28
CA PHE A 852 25.05 17.31 -13.29
C PHE A 852 25.61 18.49 -12.49
N SER A 853 26.45 18.22 -11.50
CA SER A 853 27.12 19.24 -10.67
C SER A 853 28.39 18.65 -10.05
N LYS A 854 29.10 19.45 -9.26
CA LYS A 854 30.28 19.00 -8.48
C LYS A 854 29.83 18.75 -7.04
N GLN A 855 28.51 18.79 -6.80
CA GLN A 855 27.87 18.35 -5.55
C GLN A 855 27.39 16.90 -5.73
N LEU A 856 28.15 15.92 -5.24
CA LEU A 856 27.85 14.46 -5.42
C LEU A 856 26.63 14.07 -4.57
N HIS A 857 26.75 14.13 -3.24
CA HIS A 857 25.67 13.74 -2.30
C HIS A 857 24.82 14.96 -1.92
N ASN A 858 23.67 14.71 -1.30
CA ASN A 858 22.66 15.71 -0.89
C ASN A 858 23.32 16.75 0.02
N PRO A 859 23.39 18.04 -0.37
CA PRO A 859 24.07 19.04 0.45
C PRO A 859 23.40 19.35 1.81
N VAL A 860 22.23 18.78 2.11
CA VAL A 860 21.52 18.99 3.41
C VAL A 860 21.45 17.69 4.21
N ALA A 861 22.12 16.62 3.75
CA ALA A 861 22.20 15.32 4.46
C ALA A 861 23.32 15.35 5.52
N LYS A 869 26.98 8.34 6.31
CA LYS A 869 28.37 7.86 6.50
C LYS A 869 28.40 6.32 6.46
N ALA A 870 28.02 5.73 5.34
CA ALA A 870 28.23 4.29 5.05
C ALA A 870 29.74 4.00 5.05
N VAL A 871 30.12 2.77 5.39
CA VAL A 871 31.55 2.36 5.49
C VAL A 871 32.05 1.95 4.10
N CYS A 872 31.27 1.12 3.39
CA CYS A 872 31.58 0.58 2.04
C CYS A 872 32.79 -0.36 2.15
N ASP A 873 32.81 -1.18 3.20
CA ASP A 873 33.83 -2.25 3.42
C ASP A 873 33.94 -3.10 2.15
N PRO A 874 35.13 -3.19 1.52
CA PRO A 874 35.31 -3.94 0.27
C PRO A 874 34.94 -5.43 0.35
N ARG A 875 34.83 -5.99 1.55
CA ARG A 875 34.42 -7.41 1.78
C ARG A 875 32.95 -7.63 1.38
N TYR A 876 32.18 -6.55 1.23
CA TYR A 876 30.73 -6.57 0.87
C TYR A 876 30.51 -5.77 -0.40
N PRO A 877 30.90 -6.32 -1.58
CA PRO A 877 31.02 -5.52 -2.80
C PRO A 877 29.74 -5.34 -3.63
N PHE A 878 28.68 -6.10 -3.30
CA PHE A 878 27.41 -6.14 -4.07
C PHE A 878 26.33 -5.30 -3.39
N ILE A 879 25.35 -4.84 -4.18
CA ILE A 879 24.22 -4.02 -3.65
C ILE A 879 23.06 -4.97 -3.31
N GLY A 880 22.84 -5.14 -2.02
CA GLY A 880 21.61 -5.73 -1.46
C GLY A 880 20.41 -4.83 -1.73
N THR A 881 19.28 -5.47 -2.00
CA THR A 881 17.94 -4.84 -2.13
C THR A 881 16.92 -5.86 -1.65
N THR A 882 15.91 -5.38 -0.95
CA THR A 882 14.76 -6.18 -0.46
C THR A 882 13.51 -5.67 -1.18
N TYR A 883 12.54 -6.56 -1.35
CA TYR A 883 11.28 -6.28 -2.07
C TYR A 883 10.33 -7.42 -1.75
N ARG A 884 9.17 -7.44 -2.41
CA ARG A 884 8.04 -8.31 -2.03
C ARG A 884 7.77 -9.27 -3.17
N VAL A 885 7.12 -10.38 -2.81
CA VAL A 885 6.42 -11.31 -3.76
C VAL A 885 4.91 -11.25 -3.50
N THR A 886 4.13 -11.51 -4.54
CA THR A 886 2.64 -11.47 -4.52
C THR A 886 2.07 -12.24 -3.34
N GLU A 887 2.67 -13.38 -3.00
CA GLU A 887 2.03 -14.42 -2.12
C GLU A 887 2.25 -14.13 -0.63
N HIS A 888 3.18 -13.25 -0.25
CA HIS A 888 3.48 -12.96 1.17
C HIS A 888 3.21 -11.50 1.52
N TRP A 889 3.06 -11.24 2.82
CA TRP A 889 2.61 -9.94 3.36
C TRP A 889 3.55 -9.43 4.46
N GLN A 890 4.28 -8.35 4.18
CA GLN A 890 5.10 -7.60 5.18
C GLN A 890 6.17 -8.54 5.72
N THR A 891 6.25 -8.73 7.04
CA THR A 891 7.24 -9.62 7.71
C THR A 891 6.89 -11.09 7.46
N GLY A 892 5.69 -11.37 6.93
CA GLY A 892 5.18 -12.74 6.74
C GLY A 892 4.48 -13.25 7.98
N LEU A 893 4.33 -12.41 9.03
CA LEU A 893 3.71 -12.84 10.30
C LEU A 893 2.39 -13.53 9.99
N MET A 894 1.65 -13.00 9.01
CA MET A 894 0.27 -13.46 8.65
C MET A 894 0.39 -14.64 7.69
N THR A 895 1.20 -14.48 6.64
CA THR A 895 1.18 -15.36 5.44
C THR A 895 2.01 -16.62 5.71
N ARG A 896 2.96 -16.56 6.66
CA ARG A 896 3.78 -17.73 7.07
C ARG A 896 2.93 -18.70 7.89
N ARG A 897 1.75 -18.26 8.34
CA ARG A 897 0.74 -19.07 9.08
C ARG A 897 -0.32 -19.67 8.13
N CYS A 898 -0.30 -19.28 6.86
CA CYS A 898 -1.25 -19.73 5.81
C CYS A 898 -0.54 -20.74 4.90
N ALA A 899 -0.89 -22.02 5.05
CA ALA A 899 -0.19 -23.18 4.43
C ALA A 899 -0.13 -23.00 2.91
N TRP A 900 -1.18 -22.43 2.30
CA TRP A 900 -1.32 -22.28 0.82
C TRP A 900 -0.32 -21.26 0.29
N LEU A 901 -0.01 -20.24 1.08
CA LEU A 901 0.95 -19.19 0.68
C LEU A 901 2.36 -19.76 0.91
N VAL A 902 2.61 -20.39 2.06
CA VAL A 902 3.89 -21.10 2.33
C VAL A 902 4.13 -22.15 1.21
N GLU A 903 3.08 -22.79 0.72
CA GLU A 903 3.17 -23.79 -0.38
C GLU A 903 3.85 -23.15 -1.59
N ALA A 904 3.40 -21.96 -1.99
CA ALA A 904 3.83 -21.27 -3.23
C ALA A 904 5.21 -20.62 -3.03
N GLU A 905 5.52 -20.18 -1.80
CA GLU A 905 6.75 -19.41 -1.46
C GLU A 905 7.26 -19.85 -0.09
N PRO A 906 7.79 -21.08 0.03
CA PRO A 906 8.13 -21.66 1.33
C PRO A 906 9.38 -21.11 2.05
N GLN A 907 10.33 -20.55 1.30
CA GLN A 907 11.67 -20.22 1.83
C GLN A 907 12.14 -18.85 1.33
N ILE A 908 12.92 -18.15 2.17
CA ILE A 908 13.75 -16.99 1.75
C ILE A 908 14.65 -17.44 0.60
N PHE A 909 14.65 -16.65 -0.48
CA PHE A 909 15.45 -16.88 -1.71
C PHE A 909 16.43 -15.71 -1.87
N CYS A 910 17.34 -15.82 -2.83
CA CYS A 910 18.33 -14.77 -3.19
C CYS A 910 18.46 -14.73 -4.71
N GLU A 911 17.88 -13.70 -5.33
CA GLU A 911 17.85 -13.55 -6.81
C GLU A 911 19.16 -12.88 -7.22
N ILE A 912 19.87 -13.49 -8.16
CA ILE A 912 21.15 -12.98 -8.70
C ILE A 912 21.19 -13.23 -10.21
N SER A 913 21.85 -12.34 -10.95
CA SER A 913 22.16 -12.47 -12.39
C SER A 913 22.99 -13.73 -12.64
N LYS A 914 23.07 -14.16 -13.89
CA LYS A 914 23.96 -15.27 -14.33
C LYS A 914 25.42 -14.81 -14.19
N GLU A 915 25.67 -13.52 -14.47
CA GLU A 915 26.99 -12.84 -14.38
C GLU A 915 27.56 -12.99 -12.97
N LEU A 916 26.75 -12.73 -11.93
CA LEU A 916 27.22 -12.85 -10.53
C LEU A 916 27.29 -14.32 -10.13
N ALA A 917 26.29 -15.12 -10.51
CA ALA A 917 26.24 -16.58 -10.29
C ALA A 917 27.54 -17.22 -10.79
N LYS A 918 27.97 -16.84 -12.01
CA LYS A 918 29.23 -17.32 -12.66
C LYS A 918 30.46 -16.92 -11.84
N LEU A 919 30.58 -15.63 -11.48
CA LEU A 919 31.74 -15.05 -10.74
C LEU A 919 31.86 -15.69 -9.35
N ARG A 920 30.74 -15.99 -8.67
CA ARG A 920 30.75 -16.54 -7.28
C ARG A 920 30.59 -18.06 -7.30
N GLY A 921 30.52 -18.67 -8.48
CA GLY A 921 30.34 -20.12 -8.65
C GLY A 921 29.05 -20.61 -8.00
N ILE A 922 27.94 -19.92 -8.28
CA ILE A 922 26.59 -20.26 -7.74
C ILE A 922 25.71 -20.81 -8.87
N GLY A 923 25.16 -22.01 -8.64
CA GLY A 923 24.20 -22.68 -9.52
C GLY A 923 22.80 -22.48 -8.98
N ASN A 924 21.81 -22.51 -9.87
CA ASN A 924 20.39 -22.32 -9.47
C ASN A 924 20.05 -23.34 -8.40
N GLY A 925 19.42 -22.89 -7.31
CA GLY A 925 18.88 -23.75 -6.25
C GLY A 925 19.87 -23.98 -5.12
N ASP A 926 21.12 -23.58 -5.28
CA ASP A 926 22.17 -23.75 -4.23
C ASP A 926 21.81 -22.92 -3.01
N THR A 927 22.11 -23.43 -1.82
CA THR A 927 22.10 -22.64 -0.57
C THR A 927 23.25 -21.62 -0.69
N VAL A 928 23.00 -20.38 -0.26
CA VAL A 928 23.99 -19.28 -0.24
C VAL A 928 23.93 -18.63 1.14
N LYS A 929 25.07 -18.08 1.58
CA LYS A 929 25.15 -17.19 2.76
C LYS A 929 25.17 -15.76 2.22
N VAL A 930 24.29 -14.90 2.71
CA VAL A 930 24.30 -13.46 2.38
C VAL A 930 24.71 -12.76 3.67
N SER A 931 25.75 -11.92 3.62
CA SER A 931 26.34 -11.29 4.82
C SER A 931 26.56 -9.81 4.56
N SER A 932 26.66 -9.06 5.65
CA SER A 932 26.95 -7.60 5.69
C SER A 932 27.64 -7.28 7.02
N LEU A 933 27.96 -6.01 7.25
CA LEU A 933 28.52 -5.57 8.55
C LEU A 933 27.52 -5.83 9.66
N ARG A 934 26.22 -5.94 9.36
CA ARG A 934 25.15 -5.98 10.41
C ARG A 934 24.72 -7.42 10.73
N GLY A 935 25.03 -8.39 9.86
CA GLY A 935 24.65 -9.80 10.06
C GLY A 935 24.71 -10.64 8.79
N ALA A 936 24.16 -11.86 8.87
CA ALA A 936 24.31 -12.93 7.87
C ALA A 936 23.08 -13.82 7.89
N LEU A 937 22.74 -14.46 6.77
CA LEU A 937 21.63 -15.43 6.71
C LEU A 937 21.81 -16.37 5.51
N GLU A 938 21.03 -17.45 5.49
CA GLU A 938 21.03 -18.43 4.39
C GLU A 938 19.72 -18.33 3.61
N ALA A 939 19.80 -18.53 2.29
CA ALA A 939 18.67 -18.40 1.36
C ALA A 939 18.92 -19.31 0.17
N VAL A 940 17.86 -19.73 -0.52
CA VAL A 940 18.00 -20.55 -1.75
C VAL A 940 18.28 -19.59 -2.90
N ALA A 941 19.33 -19.85 -3.67
CA ALA A 941 19.73 -19.08 -4.86
C ALA A 941 18.69 -19.24 -5.98
N ILE A 942 18.23 -18.10 -6.53
CA ILE A 942 17.52 -18.01 -7.83
C ILE A 942 18.42 -17.21 -8.77
N VAL A 943 19.02 -17.91 -9.74
CA VAL A 943 19.84 -17.33 -10.84
C VAL A 943 18.90 -17.06 -12.00
N THR A 944 18.80 -15.82 -12.48
CA THR A 944 17.81 -15.39 -13.51
C THR A 944 18.29 -14.16 -14.28
N GLU A 945 17.95 -14.05 -15.56
CA GLU A 945 18.29 -12.86 -16.41
C GLU A 945 17.40 -11.69 -15.98
N ARG A 946 16.46 -11.89 -15.07
CA ARG A 946 15.57 -10.81 -14.54
C ARG A 946 16.39 -9.83 -13.71
N ILE A 947 17.58 -10.23 -13.26
CA ILE A 947 18.61 -9.32 -12.68
C ILE A 947 19.75 -9.21 -13.70
N ARG A 948 20.32 -8.01 -13.85
CA ARG A 948 21.41 -7.68 -14.80
C ARG A 948 22.39 -6.74 -14.13
N PRO A 949 23.70 -6.84 -14.43
CA PRO A 949 24.66 -5.89 -13.92
C PRO A 949 24.37 -4.48 -14.45
N PHE A 950 24.67 -3.46 -13.65
CA PHE A 950 24.69 -2.05 -14.10
C PHE A 950 26.16 -1.64 -14.23
N LYS A 951 26.47 -0.98 -15.36
CA LYS A 951 27.77 -0.30 -15.63
C LYS A 951 27.77 1.02 -14.86
N ILE A 952 28.57 1.09 -13.80
CA ILE A 952 28.82 2.33 -13.02
C ILE A 952 30.33 2.63 -13.11
N GLU A 953 30.67 3.74 -13.77
CA GLU A 953 32.06 4.24 -13.93
C GLU A 953 32.96 3.08 -14.39
N GLY A 954 32.53 2.39 -15.46
CA GLY A 954 33.28 1.33 -16.15
C GLY A 954 33.40 0.04 -15.35
N VAL A 955 32.81 -0.06 -14.17
CA VAL A 955 32.74 -1.33 -13.38
C VAL A 955 31.32 -1.87 -13.42
N ASP A 956 31.18 -3.17 -13.69
CA ASP A 956 29.92 -3.93 -13.56
C ASP A 956 29.58 -4.01 -12.07
N VAL A 957 28.40 -3.51 -11.70
CA VAL A 957 27.90 -3.51 -10.29
C VAL A 957 26.74 -4.50 -10.22
N HIS A 958 26.85 -5.49 -9.34
CA HIS A 958 25.89 -6.62 -9.21
C HIS A 958 24.94 -6.34 -8.03
N MET A 959 23.65 -6.55 -8.26
CA MET A 959 22.58 -6.39 -7.24
C MET A 959 22.11 -7.80 -6.86
N VAL A 960 21.92 -8.06 -5.56
CA VAL A 960 21.36 -9.35 -5.05
C VAL A 960 20.05 -9.01 -4.34
N GLY A 961 18.99 -9.77 -4.61
CA GLY A 961 17.61 -9.45 -4.18
C GLY A 961 17.07 -10.45 -3.17
N LEU A 962 16.48 -9.95 -2.09
CA LEU A 962 15.94 -10.80 -1.00
C LEU A 962 14.53 -10.36 -0.62
N PRO A 963 13.58 -11.30 -0.39
CA PRO A 963 12.32 -10.96 0.26
C PRO A 963 12.56 -10.80 1.77
N TRP A 964 11.83 -9.87 2.39
CA TRP A 964 11.87 -9.62 3.85
C TRP A 964 10.64 -10.25 4.53
N HIS A 965 10.02 -11.22 3.85
CA HIS A 965 8.78 -11.92 4.27
C HIS A 965 9.05 -13.01 5.32
N TYR A 966 10.30 -13.29 5.66
CA TYR A 966 10.64 -14.51 6.45
C TYR A 966 11.10 -14.13 7.86
N GLY A 967 10.98 -15.10 8.76
CA GLY A 967 11.19 -14.94 10.22
C GLY A 967 11.42 -16.28 10.88
N TRP A 968 12.10 -16.28 12.02
CA TRP A 968 12.63 -17.52 12.64
C TRP A 968 11.50 -18.38 13.24
N MET A 969 10.32 -17.82 13.51
CA MET A 969 9.26 -18.53 14.29
C MET A 969 8.50 -19.54 13.41
N VAL A 970 8.17 -19.16 12.18
CA VAL A 970 7.44 -20.00 11.17
C VAL A 970 7.92 -19.65 9.77
N PRO A 971 7.82 -20.56 8.79
CA PRO A 971 7.69 -21.99 9.07
C PRO A 971 9.07 -22.62 9.27
N LYS A 972 9.09 -23.92 9.54
CA LYS A 972 10.31 -24.78 9.56
C LYS A 972 11.06 -24.60 8.23
N ASN A 973 12.26 -24.02 8.29
CA ASN A 973 13.17 -23.86 7.11
C ASN A 973 12.79 -22.65 6.26
N GLY A 974 11.87 -21.79 6.72
CA GLY A 974 11.47 -20.56 6.00
C GLY A 974 12.64 -19.59 5.83
N GLY A 975 13.49 -19.48 6.85
CA GLY A 975 14.58 -18.48 6.92
C GLY A 975 14.19 -17.34 7.82
N ASP A 976 15.12 -16.43 8.11
CA ASP A 976 14.85 -15.25 9.00
C ASP A 976 14.71 -14.00 8.13
N THR A 977 14.49 -12.87 8.76
CA THR A 977 14.27 -11.55 8.11
C THR A 977 15.54 -11.16 7.37
N ALA A 978 15.40 -10.67 6.14
CA ALA A 978 16.50 -10.04 5.36
C ALA A 978 16.94 -8.74 6.05
N ASN A 979 16.24 -8.30 7.11
CA ASN A 979 16.63 -7.11 7.93
C ASN A 979 17.75 -7.46 8.94
N LEU A 980 18.32 -8.66 8.89
CA LEU A 980 19.58 -8.95 9.61
C LEU A 980 20.72 -8.22 8.89
N LEU A 981 20.55 -7.98 7.59
CA LEU A 981 21.60 -7.42 6.70
C LEU A 981 21.51 -5.90 6.63
N THR A 982 20.33 -5.31 6.86
CA THR A 982 20.06 -3.87 6.60
C THR A 982 20.66 -3.01 7.71
N PRO A 983 21.23 -1.84 7.39
CA PRO A 983 21.77 -0.94 8.42
C PRO A 983 20.64 -0.19 9.13
N SER A 984 20.84 0.16 10.40
CA SER A 984 19.96 1.09 11.15
C SER A 984 20.27 2.51 10.68
N ALA A 985 21.47 2.72 10.12
CA ALA A 985 21.88 3.92 9.36
C ALA A 985 20.87 4.17 8.23
N GLY A 986 19.75 4.80 8.60
CA GLY A 986 18.76 5.41 7.68
C GLY A 986 19.04 6.89 7.51
N ASP A 987 18.14 7.60 6.84
CA ASP A 987 18.42 8.95 6.27
C ASP A 987 18.19 10.02 7.34
N PRO A 988 19.08 11.05 7.45
CA PRO A 988 18.94 12.08 8.47
C PRO A 988 17.81 13.08 8.19
N ASN A 989 17.39 13.20 6.92
CA ASN A 989 16.42 14.21 6.41
C ASN A 989 15.03 13.56 6.25
N THR A 990 14.73 12.49 7.00
CA THR A 990 13.46 11.71 6.88
C THR A 990 13.14 10.95 8.19
N GLY A 991 14.11 10.19 8.73
CA GLY A 991 13.90 9.26 9.85
C GLY A 991 13.44 7.90 9.34
N ILE A 992 13.98 7.49 8.18
CA ILE A 992 13.53 6.34 7.33
C ILE A 992 14.75 5.47 7.02
N PRO A 993 14.63 4.13 7.07
CA PRO A 993 15.77 3.24 6.86
C PRO A 993 16.18 3.00 5.39
N GLU A 994 17.35 2.41 5.18
CA GLU A 994 17.85 1.98 3.84
C GLU A 994 17.56 0.49 3.64
N THR A 995 16.65 0.15 2.72
CA THR A 995 16.22 -1.25 2.47
C THR A 995 16.29 -1.61 0.97
N LYS A 996 16.57 -0.66 0.08
CA LYS A 996 16.62 -0.89 -1.38
C LYS A 996 18.06 -0.90 -1.90
N ALA A 997 19.05 -0.51 -1.07
CA ALA A 997 20.48 -0.41 -1.46
C ALA A 997 21.39 -0.43 -0.22
N PHE A 998 21.86 -1.62 0.15
CA PHE A 998 22.80 -1.83 1.28
C PHE A 998 23.85 -2.89 0.86
N MET A 999 25.09 -2.68 1.27
CA MET A 999 26.25 -3.47 0.78
C MET A 999 26.23 -4.87 1.43
N VAL A 1000 26.36 -5.91 0.60
CA VAL A 1000 26.36 -7.33 1.03
C VAL A 1000 27.44 -8.11 0.27
N ASP A 1001 27.82 -9.26 0.83
CA ASP A 1001 28.50 -10.36 0.11
C ASP A 1001 27.54 -11.54 0.03
N VAL A 1002 27.69 -12.36 -1.01
CA VAL A 1002 26.94 -13.63 -1.24
C VAL A 1002 27.97 -14.73 -1.55
N ARG A 1003 28.03 -15.75 -0.70
CA ARG A 1003 28.92 -16.93 -0.87
C ARG A 1003 28.06 -18.18 -1.04
N LYS A 1004 28.51 -19.11 -1.88
CA LYS A 1004 28.00 -20.51 -1.95
C LYS A 1004 28.30 -21.23 -0.62
N VAL A 1005 27.40 -22.10 -0.16
CA VAL A 1005 27.52 -22.89 1.11
C VAL A 1005 27.66 -24.37 0.77
N GLY B 2 -22.24 -27.25 -24.25
CA GLY B 2 -21.97 -26.97 -22.83
C GLY B 2 -21.03 -25.79 -22.66
N LYS B 3 -20.19 -25.84 -21.64
CA LYS B 3 -19.35 -24.71 -21.19
C LYS B 3 -17.90 -24.87 -21.66
N MET B 4 -17.18 -23.76 -21.74
CA MET B 4 -15.77 -23.65 -22.20
C MET B 4 -15.03 -22.60 -21.36
N PHE B 5 -13.78 -22.87 -20.98
CA PHE B 5 -12.83 -21.86 -20.44
C PHE B 5 -11.99 -21.30 -21.61
N PHE B 6 -11.99 -19.98 -21.77
CA PHE B 6 -10.94 -19.25 -22.55
C PHE B 6 -9.96 -18.63 -21.56
N VAL B 7 -8.70 -19.06 -21.63
CA VAL B 7 -7.57 -18.62 -20.76
C VAL B 7 -6.60 -17.81 -21.63
N ASP B 8 -6.64 -16.48 -21.50
CA ASP B 8 -5.75 -15.56 -22.26
C ASP B 8 -4.46 -15.34 -21.46
N LEU B 9 -3.42 -16.13 -21.77
CA LEU B 9 -2.12 -16.11 -21.05
C LEU B 9 -1.34 -14.80 -21.32
N SER B 10 -1.78 -13.97 -22.27
CA SER B 10 -1.14 -12.67 -22.60
C SER B 10 -1.56 -11.63 -21.55
N ARG B 11 -2.37 -12.03 -20.57
CA ARG B 11 -2.88 -11.12 -19.51
C ARG B 11 -2.55 -11.63 -18.10
N CYS B 12 -1.82 -12.74 -17.99
CA CYS B 12 -1.55 -13.45 -16.71
C CYS B 12 -0.37 -12.75 -16.01
N THR B 13 -0.53 -12.43 -14.72
CA THR B 13 0.52 -11.77 -13.90
C THR B 13 1.18 -12.82 -12.99
N ALA B 14 0.74 -14.08 -13.07
CA ALA B 14 1.20 -15.19 -12.21
C ALA B 14 0.97 -14.83 -10.74
N CYS B 15 -0.08 -14.04 -10.47
CA CYS B 15 -0.50 -13.64 -9.10
C CYS B 15 -0.82 -14.90 -8.28
N ARG B 16 -1.23 -15.98 -8.97
CA ARG B 16 -1.51 -17.32 -8.40
C ARG B 16 -2.77 -17.29 -7.50
N GLY B 17 -3.66 -16.31 -7.67
CA GLY B 17 -5.01 -16.32 -7.06
C GLY B 17 -5.77 -17.59 -7.43
N CYS B 18 -5.72 -17.98 -8.70
CA CYS B 18 -6.39 -19.18 -9.23
C CYS B 18 -5.93 -20.40 -8.44
N GLN B 19 -4.63 -20.49 -8.17
CA GLN B 19 -4.00 -21.65 -7.48
C GLN B 19 -4.57 -21.79 -6.06
N ILE B 20 -4.65 -20.70 -5.32
CA ILE B 20 -5.09 -20.69 -3.89
C ILE B 20 -6.61 -20.86 -3.86
N ALA B 21 -7.30 -20.20 -4.79
CA ALA B 21 -8.78 -20.18 -4.89
C ALA B 21 -9.32 -21.59 -5.10
N CYS B 22 -8.56 -22.45 -5.79
CA CYS B 22 -8.93 -23.87 -6.07
C CYS B 22 -8.95 -24.64 -4.75
N LYS B 23 -7.93 -24.43 -3.92
CA LYS B 23 -7.74 -25.15 -2.63
C LYS B 23 -8.75 -24.64 -1.60
N GLN B 24 -8.99 -23.32 -1.55
CA GLN B 24 -9.93 -22.70 -0.58
C GLN B 24 -11.31 -23.28 -0.84
N TRP B 25 -11.72 -23.34 -2.11
CA TRP B 25 -13.09 -23.78 -2.47
C TRP B 25 -13.31 -25.25 -2.09
N LYS B 26 -12.35 -26.12 -2.43
CA LYS B 26 -12.46 -27.58 -2.14
C LYS B 26 -11.80 -27.94 -0.80
N ASN B 27 -11.23 -26.97 -0.08
CA ASN B 27 -10.55 -27.20 1.22
C ASN B 27 -9.47 -28.29 1.09
N LEU B 28 -8.73 -28.28 -0.03
CA LEU B 28 -7.58 -29.19 -0.28
C LEU B 28 -6.46 -28.83 0.67
N PRO B 29 -5.67 -29.82 1.14
CA PRO B 29 -4.47 -29.51 1.91
C PRO B 29 -3.34 -28.97 1.02
N ALA B 30 -2.40 -28.26 1.64
CA ALA B 30 -1.15 -27.74 1.01
C ALA B 30 -0.08 -28.85 1.03
N GLU B 31 0.79 -28.87 0.02
CA GLU B 31 1.90 -29.85 -0.10
C GLU B 31 3.05 -29.40 0.81
N GLU B 32 4.03 -30.29 1.03
CA GLU B 32 5.35 -29.93 1.60
C GLU B 32 6.22 -29.45 0.43
N THR B 33 6.62 -28.19 0.44
CA THR B 33 7.38 -27.56 -0.66
C THR B 33 8.72 -27.05 -0.13
N ARG B 34 9.73 -27.08 -1.00
CA ARG B 34 11.01 -26.35 -0.81
C ARG B 34 11.23 -25.48 -2.03
N ASN B 35 11.82 -24.31 -1.85
CA ASN B 35 12.35 -23.51 -2.99
C ASN B 35 13.60 -24.25 -3.50
N THR B 36 13.66 -24.54 -4.79
CA THR B 36 14.83 -25.18 -5.44
C THR B 36 15.30 -24.31 -6.60
N GLY B 37 15.16 -22.99 -6.46
CA GLY B 37 15.62 -21.98 -7.44
C GLY B 37 14.52 -21.57 -8.42
N SER B 38 13.27 -21.49 -7.98
CA SER B 38 12.08 -21.09 -8.78
C SER B 38 10.98 -20.55 -7.88
N HIS B 39 10.13 -19.66 -8.40
CA HIS B 39 8.88 -19.20 -7.72
C HIS B 39 7.84 -20.31 -7.83
N GLN B 40 7.93 -21.11 -8.88
CA GLN B 40 7.01 -22.23 -9.15
C GLN B 40 6.95 -23.14 -7.91
N ASN B 41 5.74 -23.38 -7.40
CA ASN B 41 5.44 -24.28 -6.26
C ASN B 41 3.92 -24.31 -6.09
N PRO B 42 3.28 -25.48 -5.89
CA PRO B 42 3.94 -26.78 -5.96
C PRO B 42 4.59 -27.00 -7.32
N PRO B 43 5.64 -27.87 -7.40
CA PRO B 43 6.43 -28.01 -8.62
C PRO B 43 5.63 -28.67 -9.74
N ASP B 44 4.63 -29.46 -9.38
CA ASP B 44 3.82 -30.25 -10.34
C ASP B 44 2.41 -30.43 -9.78
N LEU B 45 1.45 -30.72 -10.67
CA LEU B 45 0.10 -31.23 -10.30
C LEU B 45 0.27 -32.47 -9.44
N SER B 46 -0.68 -32.73 -8.56
CA SER B 46 -0.67 -33.91 -7.67
C SER B 46 -2.10 -34.23 -7.24
N TYR B 47 -2.23 -35.20 -6.33
CA TYR B 47 -3.53 -35.66 -5.80
C TYR B 47 -4.25 -34.47 -5.15
N VAL B 48 -3.51 -33.63 -4.41
CA VAL B 48 -4.06 -32.55 -3.55
C VAL B 48 -3.92 -31.17 -4.22
N THR B 49 -3.33 -31.11 -5.41
CA THR B 49 -3.08 -29.88 -6.20
C THR B 49 -3.63 -30.09 -7.61
N LEU B 50 -4.79 -29.49 -7.94
CA LEU B 50 -5.49 -29.70 -9.24
C LEU B 50 -4.99 -28.69 -10.27
N LYS B 51 -4.25 -27.69 -9.79
CA LYS B 51 -3.77 -26.55 -10.59
C LYS B 51 -2.53 -26.00 -9.87
N THR B 52 -1.45 -25.79 -10.62
CA THR B 52 -0.27 -25.00 -10.22
C THR B 52 0.13 -24.13 -11.40
N VAL B 53 0.62 -22.92 -11.13
CA VAL B 53 1.12 -21.98 -12.18
C VAL B 53 2.58 -22.32 -12.40
N ARG B 54 2.90 -22.74 -13.63
CA ARG B 54 4.27 -23.06 -14.07
C ARG B 54 4.90 -21.78 -14.59
N PHE B 55 6.18 -21.59 -14.29
CA PHE B 55 7.01 -20.41 -14.65
C PHE B 55 8.17 -20.89 -15.53
N THR B 56 8.32 -20.32 -16.71
CA THR B 56 9.52 -20.51 -17.59
C THR B 56 10.04 -19.12 -17.99
N GLU B 57 11.36 -18.97 -18.00
CA GLU B 57 12.10 -17.77 -18.47
C GLU B 57 12.75 -18.12 -19.81
N LYS B 58 12.36 -17.44 -20.88
CA LYS B 58 13.00 -17.51 -22.22
C LYS B 58 13.68 -16.17 -22.49
N SER B 59 14.96 -16.23 -22.85
CA SER B 59 15.81 -15.07 -23.17
C SER B 59 15.24 -14.34 -24.37
N ARG B 60 15.52 -13.05 -24.49
CA ARG B 60 15.18 -12.24 -25.68
C ARG B 60 16.28 -11.17 -25.86
N LYS B 61 16.59 -10.88 -27.11
CA LYS B 61 17.45 -9.74 -27.52
C LYS B 61 16.84 -8.48 -26.88
N GLY B 62 17.68 -7.65 -26.26
CA GLY B 62 17.26 -6.41 -25.58
C GLY B 62 16.94 -6.66 -24.11
N PRO B 63 16.50 -5.62 -23.37
CA PRO B 63 16.28 -5.72 -21.93
C PRO B 63 15.22 -6.74 -21.55
N GLY B 64 15.30 -7.26 -20.32
CA GLY B 64 14.29 -8.14 -19.71
C GLY B 64 14.31 -9.54 -20.31
N ILE B 65 13.21 -10.28 -20.13
CA ILE B 65 13.04 -11.66 -20.67
C ILE B 65 11.61 -11.80 -21.20
N ASP B 66 11.30 -12.93 -21.82
CA ASP B 66 9.89 -13.38 -21.98
C ASP B 66 9.63 -14.37 -20.83
N TRP B 67 8.86 -13.93 -19.84
CA TRP B 67 8.49 -14.71 -18.63
C TRP B 67 7.15 -15.38 -18.90
N LEU B 68 7.14 -16.69 -19.17
CA LEU B 68 5.92 -17.42 -19.61
C LEU B 68 5.25 -18.05 -18.39
N PHE B 69 3.94 -17.87 -18.25
CA PHE B 69 3.11 -18.38 -17.13
C PHE B 69 2.05 -19.34 -17.67
N PHE B 70 1.84 -20.46 -16.96
CA PHE B 70 0.90 -21.53 -17.38
C PHE B 70 0.18 -22.12 -16.17
N PRO B 71 -0.99 -21.55 -15.79
CA PRO B 71 -1.88 -22.17 -14.80
C PRO B 71 -2.54 -23.41 -15.43
N GLU B 72 -2.03 -24.58 -15.06
CA GLU B 72 -2.34 -25.87 -15.71
C GLU B 72 -3.57 -26.49 -15.04
N GLN B 73 -4.47 -27.05 -15.86
CA GLN B 73 -5.66 -27.83 -15.40
C GLN B 73 -6.10 -28.80 -16.50
N CYS B 74 -6.88 -29.82 -16.14
CA CYS B 74 -7.60 -30.72 -17.08
C CYS B 74 -8.19 -29.89 -18.23
N ARG B 75 -8.17 -30.42 -19.46
CA ARG B 75 -8.65 -29.72 -20.68
C ARG B 75 -10.15 -29.97 -20.89
N HIS B 76 -10.75 -30.89 -20.12
CA HIS B 76 -12.16 -31.36 -20.24
C HIS B 76 -12.46 -31.59 -21.73
N CYS B 77 -11.65 -32.45 -22.36
CA CYS B 77 -11.71 -32.86 -23.78
C CYS B 77 -13.12 -33.25 -24.18
N VAL B 78 -13.58 -32.77 -25.35
CA VAL B 78 -14.89 -33.13 -25.99
C VAL B 78 -14.99 -34.66 -26.07
N GLU B 79 -13.88 -35.35 -26.36
CA GLU B 79 -13.82 -36.84 -26.48
C GLU B 79 -12.72 -37.34 -25.55
N PRO B 80 -13.01 -37.47 -24.24
CA PRO B 80 -11.98 -37.76 -23.23
C PRO B 80 -11.25 -39.10 -23.42
N PRO B 81 -9.95 -39.08 -23.75
CA PRO B 81 -9.15 -40.31 -23.78
C PRO B 81 -9.06 -41.03 -22.43
N CYS B 82 -9.22 -40.28 -21.32
CA CYS B 82 -9.15 -40.81 -19.93
C CYS B 82 -10.40 -41.68 -19.66
N LYS B 83 -11.56 -41.30 -20.20
CA LYS B 83 -12.82 -42.09 -20.12
C LYS B 83 -12.66 -43.38 -20.94
N GLY B 84 -12.30 -43.26 -22.22
CA GLY B 84 -12.00 -44.38 -23.13
C GLY B 84 -11.12 -45.42 -22.46
N GLN B 85 -10.13 -44.98 -21.68
CA GLN B 85 -9.14 -45.86 -21.03
C GLN B 85 -9.77 -46.54 -19.81
N ALA B 86 -10.49 -45.79 -18.97
CA ALA B 86 -11.05 -46.28 -17.69
C ALA B 86 -12.26 -47.19 -17.97
N ASP B 87 -13.03 -46.91 -19.02
CA ASP B 87 -14.21 -47.72 -19.45
C ASP B 87 -13.78 -49.15 -19.79
N VAL B 88 -12.48 -49.41 -19.99
CA VAL B 88 -11.89 -50.77 -20.20
C VAL B 88 -12.09 -51.60 -18.93
N ASP B 89 -11.59 -51.12 -17.79
CA ASP B 89 -11.65 -51.82 -16.49
C ASP B 89 -13.04 -51.70 -15.86
N LEU B 90 -13.65 -50.51 -15.91
CA LEU B 90 -14.95 -50.20 -15.25
C LEU B 90 -15.51 -48.88 -15.77
N GLU B 91 -16.73 -48.91 -16.32
CA GLU B 91 -17.55 -47.71 -16.62
C GLU B 91 -17.93 -47.04 -15.29
N GLY B 92 -18.20 -45.73 -15.33
CA GLY B 92 -18.61 -44.94 -14.15
C GLY B 92 -17.44 -44.34 -13.40
N ALA B 93 -16.25 -44.96 -13.43
CA ALA B 93 -15.00 -44.42 -12.84
C ALA B 93 -14.73 -43.02 -13.42
N VAL B 94 -14.98 -42.84 -14.72
CA VAL B 94 -14.87 -41.53 -15.43
C VAL B 94 -16.16 -41.33 -16.21
N VAL B 95 -16.92 -40.28 -15.90
CA VAL B 95 -18.19 -39.95 -16.60
C VAL B 95 -18.06 -38.55 -17.22
N LYS B 96 -19.00 -38.22 -18.11
CA LYS B 96 -19.17 -36.87 -18.69
C LYS B 96 -20.48 -36.30 -18.12
N ASP B 97 -20.53 -34.99 -17.88
CA ASP B 97 -21.79 -34.24 -17.63
C ASP B 97 -22.40 -33.86 -18.99
N GLU B 98 -23.58 -34.39 -19.29
CA GLU B 98 -24.34 -34.08 -20.54
C GLU B 98 -24.35 -32.57 -20.79
N THR B 99 -24.78 -31.75 -19.81
CA THR B 99 -25.12 -30.31 -20.00
C THR B 99 -23.85 -29.44 -20.09
N THR B 100 -22.85 -29.63 -19.21
CA THR B 100 -21.70 -28.69 -19.02
C THR B 100 -20.49 -29.05 -19.89
N GLY B 101 -20.16 -30.34 -20.03
CA GLY B 101 -18.94 -30.81 -20.71
C GLY B 101 -17.91 -31.33 -19.73
N ALA B 102 -18.14 -31.15 -18.43
CA ALA B 102 -17.26 -31.64 -17.34
C ALA B 102 -16.96 -33.13 -17.54
N VAL B 103 -15.69 -33.46 -17.75
CA VAL B 103 -15.15 -34.83 -17.53
C VAL B 103 -14.88 -34.92 -16.03
N LEU B 104 -15.44 -35.93 -15.35
CA LEU B 104 -15.40 -36.04 -13.88
C LEU B 104 -14.90 -37.44 -13.49
N PHE B 105 -13.87 -37.51 -12.63
CA PHE B 105 -13.43 -38.74 -11.95
C PHE B 105 -14.37 -38.98 -10.76
N THR B 106 -14.79 -40.24 -10.58
CA THR B 106 -15.62 -40.74 -9.45
C THR B 106 -14.75 -41.66 -8.58
N GLU B 107 -15.31 -42.04 -7.44
CA GLU B 107 -14.68 -42.89 -6.39
C GLU B 107 -14.22 -44.23 -6.99
N LEU B 108 -14.79 -44.61 -8.14
CA LEU B 108 -14.55 -45.92 -8.80
C LEU B 108 -13.27 -45.91 -9.64
N THR B 109 -12.52 -44.79 -9.67
CA THR B 109 -11.12 -44.73 -10.19
C THR B 109 -10.21 -45.55 -9.26
N ALA B 110 -10.65 -45.91 -8.06
CA ALA B 110 -9.92 -46.80 -7.11
C ALA B 110 -9.90 -48.25 -7.63
N LYS B 111 -10.65 -48.55 -8.70
CA LYS B 111 -10.76 -49.90 -9.33
C LYS B 111 -9.91 -49.96 -10.60
N VAL B 112 -9.86 -48.88 -11.39
CA VAL B 112 -9.11 -48.82 -12.69
C VAL B 112 -7.60 -48.92 -12.42
N ASP B 113 -6.81 -49.06 -13.47
CA ASP B 113 -5.33 -48.98 -13.37
C ASP B 113 -4.97 -47.50 -13.32
N GLY B 114 -4.36 -47.08 -12.21
CA GLY B 114 -4.02 -45.67 -11.95
C GLY B 114 -3.24 -45.12 -13.12
N GLU B 115 -2.09 -45.76 -13.38
CA GLU B 115 -1.09 -45.25 -14.35
C GLU B 115 -1.64 -45.39 -15.79
N SER B 116 -2.48 -46.40 -16.06
CA SER B 116 -3.12 -46.60 -17.40
C SER B 116 -3.80 -45.32 -17.87
N VAL B 117 -4.65 -44.74 -17.00
CA VAL B 117 -5.60 -43.64 -17.35
C VAL B 117 -4.77 -42.35 -17.53
N ARG B 118 -3.67 -42.22 -16.78
CA ARG B 118 -2.71 -41.09 -16.93
C ARG B 118 -2.10 -41.12 -18.34
N SER B 119 -1.42 -42.21 -18.70
CA SER B 119 -0.74 -42.42 -20.02
C SER B 119 -1.67 -42.06 -21.18
N ALA B 120 -2.95 -42.44 -21.08
CA ALA B 120 -4.00 -42.21 -22.10
C ALA B 120 -4.25 -40.71 -22.32
N CYS B 121 -3.92 -39.89 -21.32
CA CYS B 121 -4.21 -38.43 -21.28
C CYS B 121 -3.10 -37.66 -22.00
N PRO B 122 -3.41 -37.00 -23.15
CA PRO B 122 -2.41 -36.29 -23.94
C PRO B 122 -1.72 -35.10 -23.25
N TYR B 123 -2.31 -34.61 -22.16
CA TYR B 123 -1.90 -33.37 -21.45
C TYR B 123 -1.30 -33.71 -20.08
N ASP B 124 -1.14 -35.02 -19.81
CA ASP B 124 -0.47 -35.62 -18.61
C ASP B 124 -1.08 -35.09 -17.30
N ILE B 125 -2.40 -35.08 -17.19
CA ILE B 125 -3.20 -34.36 -16.14
C ILE B 125 -3.46 -35.24 -14.92
N PRO B 126 -4.01 -36.47 -15.06
CA PRO B 126 -4.40 -37.27 -13.90
C PRO B 126 -3.26 -37.58 -12.91
N ARG B 127 -3.59 -37.63 -11.62
CA ARG B 127 -2.64 -37.87 -10.50
C ARG B 127 -3.29 -38.84 -9.49
N ILE B 128 -2.51 -39.78 -8.95
CA ILE B 128 -3.02 -40.87 -8.06
C ILE B 128 -2.68 -40.56 -6.59
N ASP B 129 -3.60 -40.89 -5.67
CA ASP B 129 -3.35 -41.00 -4.22
C ASP B 129 -2.71 -42.36 -3.95
N PRO B 130 -1.44 -42.43 -3.51
CA PRO B 130 -0.73 -43.71 -3.40
C PRO B 130 -1.33 -44.61 -2.31
N VAL B 131 -2.11 -44.02 -1.39
CA VAL B 131 -2.90 -44.76 -0.37
C VAL B 131 -4.12 -45.36 -1.05
N THR B 132 -5.16 -44.55 -1.29
CA THR B 132 -6.55 -44.95 -1.62
C THR B 132 -6.66 -45.40 -3.09
N LYS B 133 -5.74 -44.97 -3.96
CA LYS B 133 -5.69 -45.31 -5.41
C LYS B 133 -6.64 -44.42 -6.22
N ARG B 134 -7.38 -43.51 -5.57
CA ARG B 134 -8.29 -42.56 -6.24
C ARG B 134 -7.48 -41.67 -7.18
N LEU B 135 -8.02 -41.38 -8.37
CA LEU B 135 -7.49 -40.37 -9.31
C LEU B 135 -8.15 -39.02 -9.02
N SER B 136 -7.37 -37.93 -9.11
CA SER B 136 -7.83 -36.54 -8.90
C SER B 136 -7.36 -35.65 -10.05
N LYS B 137 -8.12 -34.56 -10.30
CA LYS B 137 -7.81 -33.50 -11.27
C LYS B 137 -8.84 -32.36 -11.10
N CYS B 138 -8.65 -31.26 -11.83
CA CYS B 138 -9.67 -30.21 -12.04
C CYS B 138 -11.00 -30.87 -12.44
N ASP B 139 -12.05 -30.63 -11.64
CA ASP B 139 -13.43 -31.13 -11.90
C ASP B 139 -14.25 -30.03 -12.55
N MET B 140 -13.65 -28.87 -12.84
CA MET B 140 -14.30 -27.74 -13.55
C MET B 140 -15.19 -26.96 -12.56
N CYS B 141 -15.08 -27.26 -11.27
CA CYS B 141 -15.98 -26.73 -10.21
C CYS B 141 -17.42 -26.96 -10.66
N ASN B 142 -17.70 -28.15 -11.20
CA ASN B 142 -18.93 -28.47 -11.95
C ASN B 142 -20.15 -28.14 -11.06
N ASP B 143 -20.08 -28.43 -9.77
CA ASP B 143 -21.17 -28.15 -8.79
C ASP B 143 -21.43 -26.64 -8.76
N ARG B 144 -20.38 -25.83 -8.67
CA ARG B 144 -20.49 -24.34 -8.76
C ARG B 144 -21.18 -23.98 -10.07
N VAL B 145 -20.69 -24.51 -11.20
CA VAL B 145 -21.22 -24.18 -12.56
C VAL B 145 -22.70 -24.58 -12.64
N GLN B 146 -23.02 -25.80 -12.22
CA GLN B 146 -24.41 -26.35 -12.16
C GLN B 146 -25.31 -25.44 -11.33
N ASN B 147 -24.76 -24.63 -10.42
CA ASN B 147 -25.51 -23.67 -9.58
C ASN B 147 -25.42 -22.26 -10.16
N GLY B 148 -24.89 -22.12 -11.38
CA GLY B 148 -24.77 -20.83 -12.10
C GLY B 148 -23.72 -19.91 -11.51
N LEU B 149 -22.73 -20.46 -10.77
CA LEU B 149 -21.51 -19.73 -10.31
C LEU B 149 -20.34 -20.08 -11.25
N LEU B 150 -19.42 -19.14 -11.40
CA LEU B 150 -18.11 -19.33 -12.08
C LEU B 150 -17.26 -20.31 -11.27
N PRO B 151 -16.39 -21.11 -11.93
CA PRO B 151 -15.41 -21.89 -11.20
C PRO B 151 -14.53 -20.90 -10.41
N ALA B 152 -14.14 -21.28 -9.19
CA ALA B 152 -13.31 -20.46 -8.27
C ALA B 152 -12.15 -19.78 -9.03
N CYS B 153 -11.32 -20.54 -9.76
CA CYS B 153 -10.11 -20.02 -10.49
C CYS B 153 -10.51 -18.91 -11.46
N VAL B 154 -11.71 -18.97 -12.03
CA VAL B 154 -12.18 -17.95 -13.00
C VAL B 154 -12.63 -16.69 -12.27
N LYS B 155 -13.45 -16.84 -11.23
CA LYS B 155 -13.95 -15.71 -10.42
C LYS B 155 -12.79 -14.94 -9.78
N THR B 156 -11.75 -15.64 -9.32
CA THR B 156 -10.66 -15.03 -8.51
C THR B 156 -9.71 -14.22 -9.42
N CYS B 157 -9.64 -14.54 -10.73
CA CYS B 157 -8.65 -13.97 -11.70
C CYS B 157 -8.96 -12.50 -11.97
N PRO B 158 -8.08 -11.57 -11.53
CA PRO B 158 -8.30 -10.14 -11.76
C PRO B 158 -7.88 -9.57 -13.13
N THR B 159 -7.16 -10.34 -13.95
CA THR B 159 -6.45 -9.83 -15.15
C THR B 159 -7.33 -9.91 -16.41
N GLY B 160 -8.32 -10.80 -16.42
CA GLY B 160 -9.11 -11.12 -17.63
C GLY B 160 -8.52 -12.31 -18.38
N THR B 161 -7.53 -12.99 -17.76
CA THR B 161 -6.95 -14.26 -18.25
C THR B 161 -8.03 -15.32 -18.25
N MET B 162 -8.64 -15.58 -17.09
CA MET B 162 -9.66 -16.63 -16.92
C MET B 162 -11.02 -16.12 -17.41
N ASN B 163 -11.63 -16.85 -18.35
CA ASN B 163 -12.96 -16.51 -18.94
C ASN B 163 -13.76 -17.80 -19.06
N PHE B 164 -15.08 -17.72 -18.84
CA PHE B 164 -15.95 -18.92 -18.76
C PHE B 164 -17.35 -18.60 -19.29
N GLY B 165 -18.02 -19.62 -19.85
CA GLY B 165 -19.39 -19.55 -20.38
C GLY B 165 -19.66 -20.60 -21.44
N ASP B 166 -20.74 -20.44 -22.21
CA ASP B 166 -21.16 -21.37 -23.30
C ASP B 166 -20.07 -21.43 -24.38
N GLU B 167 -19.75 -22.64 -24.85
CA GLU B 167 -18.69 -22.92 -25.86
C GLU B 167 -18.85 -22.01 -27.09
N GLN B 168 -20.08 -21.65 -27.44
CA GLN B 168 -20.38 -20.76 -28.59
C GLN B 168 -19.77 -19.37 -28.31
N GLU B 169 -20.05 -18.79 -27.13
CA GLU B 169 -19.62 -17.43 -26.75
C GLU B 169 -18.08 -17.41 -26.63
N MET B 170 -17.51 -18.42 -25.98
CA MET B 170 -16.08 -18.49 -25.63
C MET B 170 -15.21 -18.64 -26.89
N LEU B 171 -15.68 -19.40 -27.87
CA LEU B 171 -14.93 -19.60 -29.15
C LEU B 171 -14.97 -18.29 -29.95
N ALA B 172 -16.07 -17.55 -29.86
CA ALA B 172 -16.18 -16.20 -30.48
C ALA B 172 -15.16 -15.28 -29.81
N LEU B 173 -15.11 -15.27 -28.47
CA LEU B 173 -14.19 -14.44 -27.67
C LEU B 173 -12.75 -14.80 -28.03
N ALA B 174 -12.44 -16.10 -27.97
CA ALA B 174 -11.10 -16.66 -28.22
C ALA B 174 -10.61 -16.23 -29.60
N GLU B 175 -11.48 -16.25 -30.59
CA GLU B 175 -11.09 -15.90 -31.98
C GLU B 175 -10.86 -14.40 -32.03
N LYS B 176 -11.80 -13.59 -31.52
CA LYS B 176 -11.73 -12.11 -31.59
C LYS B 176 -10.48 -11.63 -30.85
N ARG B 177 -10.19 -12.24 -29.68
CA ARG B 177 -9.04 -11.86 -28.82
C ARG B 177 -7.70 -12.28 -29.46
N LEU B 178 -7.64 -13.44 -30.13
CA LEU B 178 -6.44 -13.90 -30.89
C LEU B 178 -6.04 -12.84 -31.92
N ALA B 179 -7.02 -12.29 -32.64
CA ALA B 179 -6.81 -11.24 -33.65
C ALA B 179 -6.21 -9.99 -32.99
N GLU B 180 -6.70 -9.63 -31.81
CA GLU B 180 -6.21 -8.45 -31.06
C GLU B 180 -4.80 -8.74 -30.54
N VAL B 181 -4.61 -9.88 -29.89
CA VAL B 181 -3.34 -10.23 -29.18
C VAL B 181 -2.22 -10.39 -30.20
N LYS B 182 -2.51 -10.93 -31.39
CA LYS B 182 -1.53 -11.10 -32.49
C LYS B 182 -0.81 -9.77 -32.76
N LYS B 183 -1.53 -8.64 -32.73
CA LYS B 183 -0.98 -7.29 -33.05
C LYS B 183 0.25 -7.01 -32.18
N THR B 184 0.25 -7.49 -30.93
CA THR B 184 1.39 -7.34 -29.98
C THR B 184 2.32 -8.55 -30.09
N TYR B 185 1.78 -9.76 -29.91
CA TYR B 185 2.53 -11.04 -29.96
C TYR B 185 2.15 -11.77 -31.25
N PRO B 186 2.94 -11.62 -32.34
CA PRO B 186 2.57 -12.16 -33.66
C PRO B 186 2.48 -13.69 -33.70
N GLY B 187 3.14 -14.39 -32.77
CA GLY B 187 3.19 -15.86 -32.71
C GLY B 187 2.08 -16.43 -31.86
N ALA B 188 1.05 -15.65 -31.51
CA ALA B 188 -0.07 -16.05 -30.64
C ALA B 188 -0.90 -17.14 -31.33
N VAL B 189 -1.17 -18.25 -30.63
CA VAL B 189 -2.02 -19.36 -31.17
C VAL B 189 -2.94 -19.87 -30.07
N LEU B 190 -3.95 -20.67 -30.48
CA LEU B 190 -4.95 -21.31 -29.59
C LEU B 190 -4.59 -22.79 -29.42
N GLY B 191 -4.64 -23.26 -28.18
CA GLY B 191 -4.40 -24.66 -27.77
C GLY B 191 -5.58 -25.55 -28.11
N ASP B 192 -5.51 -26.20 -29.28
CA ASP B 192 -6.38 -27.32 -29.71
C ASP B 192 -7.84 -26.88 -29.54
N PRO B 193 -8.26 -25.78 -30.19
CA PRO B 193 -9.59 -25.21 -29.96
C PRO B 193 -10.80 -26.16 -30.15
N ASN B 194 -10.66 -27.19 -31.00
CA ASN B 194 -11.79 -28.05 -31.47
C ASN B 194 -11.83 -29.37 -30.68
N ASP B 195 -10.81 -29.67 -29.87
CA ASP B 195 -10.68 -30.94 -29.10
C ASP B 195 -11.09 -30.73 -27.63
N VAL B 196 -10.90 -29.54 -27.07
CA VAL B 196 -10.94 -29.30 -25.60
C VAL B 196 -11.99 -28.25 -25.23
N ARG B 197 -12.24 -28.14 -23.92
CA ARG B 197 -13.16 -27.14 -23.30
C ARG B 197 -12.36 -26.14 -22.46
N VAL B 198 -11.04 -26.33 -22.35
CA VAL B 198 -10.09 -25.33 -21.77
C VAL B 198 -9.14 -24.87 -22.88
N VAL B 199 -9.49 -23.75 -23.51
CA VAL B 199 -8.76 -23.16 -24.67
C VAL B 199 -7.80 -22.07 -24.17
N TYR B 200 -6.50 -22.37 -24.14
CA TYR B 200 -5.42 -21.43 -23.78
C TYR B 200 -5.02 -20.62 -25.01
N LEU B 201 -4.92 -19.30 -24.87
CA LEU B 201 -4.22 -18.43 -25.86
C LEU B 201 -2.75 -18.35 -25.44
N PHE B 202 -1.84 -18.83 -26.28
CA PHE B 202 -0.37 -18.72 -26.06
C PHE B 202 0.14 -17.55 -26.89
N THR B 203 1.04 -16.77 -26.31
CA THR B 203 1.68 -15.60 -26.96
C THR B 203 2.79 -16.07 -27.91
N ARG B 204 3.09 -17.37 -27.90
CA ARG B 204 4.10 -18.02 -28.80
C ARG B 204 3.93 -19.55 -28.75
N ASP B 205 4.88 -20.30 -29.32
CA ASP B 205 4.89 -21.80 -29.33
C ASP B 205 4.51 -22.31 -27.94
N PRO B 206 3.33 -22.98 -27.83
CA PRO B 206 2.85 -23.53 -26.55
C PRO B 206 3.87 -24.38 -25.80
N LYS B 207 4.75 -25.04 -26.55
CA LYS B 207 5.82 -25.92 -26.01
C LYS B 207 6.82 -25.10 -25.15
N ASP B 208 6.96 -23.80 -25.42
CA ASP B 208 7.85 -22.90 -24.62
C ASP B 208 7.27 -22.77 -23.20
N PHE B 209 5.96 -22.81 -23.07
CA PHE B 209 5.21 -22.68 -21.79
C PHE B 209 5.38 -23.98 -21.00
N TYR B 210 5.11 -25.13 -21.62
CA TYR B 210 5.07 -26.47 -20.95
C TYR B 210 5.09 -27.59 -21.99
N GLU B 211 5.87 -28.64 -21.71
CA GLU B 211 6.03 -29.89 -22.50
C GLU B 211 4.65 -30.36 -23.01
N HIS B 212 3.63 -30.39 -22.14
CA HIS B 212 2.27 -30.91 -22.48
C HIS B 212 1.22 -29.80 -22.51
N ALA B 213 1.60 -28.57 -22.89
CA ALA B 213 0.69 -27.40 -23.03
C ALA B 213 -0.38 -27.73 -24.07
N VAL B 214 0.03 -28.27 -25.23
CA VAL B 214 -0.89 -28.84 -26.27
C VAL B 214 -0.60 -30.34 -26.42
N ALA B 215 -1.57 -31.07 -26.98
CA ALA B 215 -1.47 -32.52 -27.27
C ALA B 215 -0.30 -32.77 -28.24
#